data_8PO8
#
_entry.id   8PO8
#
_cell.length_a   80.260
_cell.length_b   105.973
_cell.length_c   177.552
_cell.angle_alpha   90.000
_cell.angle_beta   90.000
_cell.angle_gamma   90.000
#
_symmetry.space_group_name_H-M   'P 21 21 21'
#
loop_
_entity.id
_entity.type
_entity.pdbx_description
1 polymer 'ATP-dependent RNA helicase HrpA'
2 polymer "DNA (5'-D(P*CP*CP*CP*CP*CP*CP*CP*CP*CP*CP*C)-3')"
3 non-polymer "ADENOSINE-5'-DIPHOSPHATE"
4 non-polymer 'MAGNESIUM ION'
5 non-polymer 'SUCCINIC ACID'
6 water water
#
loop_
_entity_poly.entity_id
_entity_poly.type
_entity_poly.pdbx_seq_one_letter_code
_entity_poly.pdbx_strand_id
1 'polypeptide(L)'
;MTEQQKLTFTALQQRLDSLMLRDRLRFSRRLHGVKKVKNPDAQQAIFQEMAKEIDQAAGKVLLREAARPEITYPDNLPVS
QKKQDILEAIRDHQVVIVAGETGSGKTTQLPKICMELGRGIKGLIGHTQPRRLAARTVANRIAEELKTEPGGCIGYKVRF
SNHVSDNTMVKLMTDGILLAEIQQDRLLMQYDTIIIDEAHERSLNIDFLLGYLKELLPRRPDLKIIITSATIDPERFSRH
FNNAPIIEVSGRTYPVEVRYRPIVEEADDTERDQLQAIFDAVDELSQESPGDILIFMSGEREIRDTADALNKLNLRHTEI
LPLYARLSNSEQNRVFQSHSGRRIVLATNVAETSLTVPGIKYVIDPGTARISRYSYRTKVQRLPIEPISQASANQRKGRC
GRVSEGICIRLYSEDDFLSRPEFTDPEILRTNLASVILQMTALGLGDIAAFPFVEAPDKRNIQDGVRLLEELGAITTDEQ
ASAYKLTPLGRQLSQLPVDPRLARMVLEAQKHGCVREAMIITSALSIQDPRERPMDKQQASDEKHRRFHDKESDFLAFVN
LWNYLGEQQKALSSNAFRRLCRTDYLNYLRVREWQDIYTQLRQVVKELGIPVNSEPAEYREIHIALLTGLLSHIGMKDAD
KQEYTGARNARFSIFPGSGLFKKPPKWVMVAELVETSRLWGRIAARIDPEWVEPVAQHLIKRTYSEPHWERAQGAVMATE
KVTVYGLPIVAARKVNYSQIDPALCRELFIRHALVEGD
;
A,B
2 'polydeoxyribonucleotide' (DC)(DC)(DC)(DC)(DC)(DC)(DC)(DC)(DC)(DC)(DC) C,D
#
# COMPACT_ATOMS: atom_id res chain seq x y z
N GLN A 4 31.47 32.38 8.18
CA GLN A 4 32.23 33.40 8.91
C GLN A 4 33.65 33.52 8.38
N GLN A 5 34.21 32.42 7.88
CA GLN A 5 35.57 32.41 7.37
C GLN A 5 35.63 31.72 6.01
N LYS A 6 36.77 31.92 5.34
CA LYS A 6 36.88 31.60 3.92
C LYS A 6 36.68 30.10 3.66
N LEU A 7 35.91 29.79 2.62
CA LEU A 7 35.65 28.44 2.16
C LEU A 7 36.24 28.25 0.77
N THR A 8 36.51 26.99 0.42
CA THR A 8 37.15 26.63 -0.83
C THR A 8 36.43 25.47 -1.49
N PHE A 9 36.73 25.26 -2.77
CA PHE A 9 36.21 24.07 -3.46
C PHE A 9 36.71 22.80 -2.81
N THR A 10 38.00 22.76 -2.48
CA THR A 10 38.59 21.55 -1.90
C THR A 10 37.92 21.20 -0.59
N ALA A 11 37.81 22.18 0.32
CA ALA A 11 37.21 21.91 1.62
C ALA A 11 35.79 21.38 1.48
N LEU A 12 34.96 22.08 0.71
CA LEU A 12 33.57 21.67 0.58
C LEU A 12 33.44 20.31 -0.07
N GLN A 13 34.26 20.03 -1.10
CA GLN A 13 34.18 18.73 -1.75
C GLN A 13 34.51 17.63 -0.76
N GLN A 14 35.46 17.87 0.14
CA GLN A 14 35.83 16.83 1.08
C GLN A 14 34.70 16.49 2.02
N ARG A 15 33.75 17.41 2.21
CA ARG A 15 32.61 17.15 3.08
C ARG A 15 31.50 16.38 2.39
N LEU A 16 31.49 16.34 1.05
CA LEU A 16 30.47 15.57 0.35
C LEU A 16 30.49 14.10 0.71
N ASP A 17 31.63 13.60 1.20
CA ASP A 17 31.75 12.18 1.49
C ASP A 17 31.07 11.77 2.79
N SER A 18 30.69 12.71 3.65
CA SER A 18 29.87 12.37 4.80
C SER A 18 28.40 12.25 4.45
N LEU A 19 28.04 12.44 3.18
CA LEU A 19 26.65 12.56 2.77
C LEU A 19 26.18 11.29 2.09
N MET A 20 24.87 11.18 1.96
CA MET A 20 24.28 10.14 1.14
C MET A 20 24.60 10.40 -0.33
N LEU A 21 24.75 9.30 -1.09
CA LEU A 21 25.23 9.41 -2.46
C LEU A 21 24.37 10.37 -3.28
N ARG A 22 23.06 10.37 -3.04
CA ARG A 22 22.18 11.34 -3.69
C ARG A 22 22.63 12.76 -3.41
N ASP A 23 22.76 13.11 -2.13
CA ASP A 23 23.17 14.46 -1.77
C ASP A 23 24.58 14.75 -2.24
N ARG A 24 25.49 13.78 -2.11
CA ARG A 24 26.86 14.02 -2.56
C ARG A 24 26.92 14.32 -4.04
N LEU A 25 26.14 13.60 -4.85
CA LEU A 25 26.12 13.87 -6.28
C LEU A 25 25.57 15.27 -6.57
N ARG A 26 24.47 15.62 -5.91
CA ARG A 26 23.87 16.93 -6.15
C ARG A 26 24.84 18.05 -5.80
N PHE A 27 25.29 18.08 -4.56
CA PHE A 27 26.23 19.13 -4.13
C PHE A 27 27.46 19.16 -5.02
N SER A 28 27.92 17.99 -5.47
CA SER A 28 29.09 17.96 -6.34
C SER A 28 28.83 18.73 -7.64
N ARG A 29 27.67 18.52 -8.25
CA ARG A 29 27.33 19.24 -9.47
C ARG A 29 27.04 20.70 -9.21
N ARG A 30 26.50 21.04 -8.04
CA ARG A 30 26.35 22.43 -7.66
C ARG A 30 27.70 23.12 -7.54
N LEU A 31 28.68 22.44 -6.91
CA LEU A 31 30.02 23.01 -6.83
C LEU A 31 30.65 23.15 -8.20
N HIS A 32 30.41 22.20 -9.10
CA HIS A 32 30.91 22.32 -10.46
C HIS A 32 30.41 23.61 -11.11
N GLY A 33 29.14 23.92 -10.92
CA GLY A 33 28.61 25.18 -11.43
C GLY A 33 29.33 26.39 -10.85
N VAL A 34 29.58 26.37 -9.54
CA VAL A 34 30.24 27.52 -8.91
C VAL A 34 31.61 27.78 -9.54
N LYS A 35 32.23 26.74 -10.11
CA LYS A 35 33.49 26.92 -10.81
C LYS A 35 33.33 27.78 -12.06
N LYS A 36 32.11 27.95 -12.55
CA LYS A 36 31.85 28.83 -13.69
C LYS A 36 31.43 30.24 -13.28
N VAL A 37 31.36 30.52 -11.98
CA VAL A 37 30.97 31.84 -11.48
C VAL A 37 32.20 32.73 -11.46
N LYS A 38 32.16 33.82 -12.24
CA LYS A 38 33.33 34.68 -12.41
C LYS A 38 33.57 35.60 -11.22
N ASN A 39 32.56 35.79 -10.36
CA ASN A 39 32.61 36.76 -9.28
C ASN A 39 32.98 36.08 -7.97
N PRO A 40 34.22 36.22 -7.48
CA PRO A 40 34.63 35.48 -6.27
C PRO A 40 33.77 35.77 -5.06
N ASP A 41 33.31 37.01 -4.90
CA ASP A 41 32.39 37.29 -3.79
C ASP A 41 31.13 36.45 -3.90
N ALA A 42 30.59 36.32 -5.11
CA ALA A 42 29.41 35.47 -5.31
C ALA A 42 29.74 34.02 -4.99
N GLN A 43 30.92 33.55 -5.40
CA GLN A 43 31.35 32.20 -5.06
C GLN A 43 31.36 31.99 -3.56
N GLN A 44 31.93 32.96 -2.82
CA GLN A 44 31.99 32.83 -1.37
C GLN A 44 30.59 32.77 -0.77
N ALA A 45 29.69 33.65 -1.23
CA ALA A 45 28.33 33.64 -0.71
C ALA A 45 27.66 32.29 -0.96
N ILE A 46 27.80 31.76 -2.18
CA ILE A 46 27.26 30.44 -2.47
C ILE A 46 27.86 29.41 -1.51
N PHE A 47 29.17 29.45 -1.35
CA PHE A 47 29.84 28.54 -0.41
C PHE A 47 29.21 28.61 0.97
N GLN A 48 29.08 29.82 1.52
CA GLN A 48 28.55 29.97 2.87
C GLN A 48 27.15 29.39 2.98
N GLU A 49 26.32 29.62 1.95
CA GLU A 49 25.00 28.99 1.94
C GLU A 49 25.12 27.47 1.77
N MET A 50 25.91 27.04 0.79
CA MET A 50 26.00 25.60 0.50
C MET A 50 26.52 24.83 1.70
N ALA A 51 27.45 25.41 2.45
CA ALA A 51 28.00 24.73 3.62
C ALA A 51 26.92 24.46 4.66
N LYS A 52 26.00 25.40 4.86
CA LYS A 52 24.92 25.16 5.81
C LYS A 52 24.03 24.02 5.35
N GLU A 53 23.73 23.96 4.04
CA GLU A 53 22.92 22.88 3.52
C GLU A 53 23.64 21.54 3.63
N ILE A 54 24.96 21.53 3.43
CA ILE A 54 25.73 20.31 3.63
C ILE A 54 25.63 19.87 5.08
N ASP A 55 25.79 20.82 6.02
CA ASP A 55 25.56 20.53 7.44
C ASP A 55 24.19 19.90 7.65
N GLN A 56 23.16 20.47 7.04
CA GLN A 56 21.82 19.90 7.15
C GLN A 56 21.79 18.48 6.59
N ALA A 57 22.27 18.30 5.36
CA ALA A 57 22.15 17.01 4.70
C ALA A 57 22.94 15.93 5.42
N ALA A 58 24.10 16.28 5.99
CA ALA A 58 24.88 15.29 6.71
C ALA A 58 24.12 14.73 7.89
N GLY A 59 23.12 15.44 8.40
CA GLY A 59 22.35 14.95 9.52
C GLY A 59 21.45 13.78 9.15
N LYS A 60 21.01 13.72 7.89
CA LYS A 60 20.22 12.57 7.45
C LYS A 60 21.01 11.28 7.58
N VAL A 61 22.33 11.33 7.40
CA VAL A 61 23.16 10.15 7.59
C VAL A 61 23.18 9.73 9.06
N LEU A 62 23.28 10.70 9.97
CA LEU A 62 23.34 10.37 11.39
C LEU A 62 22.04 9.73 11.88
N LEU A 63 20.90 10.23 11.40
CA LEU A 63 19.61 9.60 11.73
C LEU A 63 19.55 8.17 11.22
N ARG A 64 20.01 7.92 10.00
CA ARG A 64 20.00 6.56 9.46
C ARG A 64 20.93 5.65 10.23
N GLU A 65 22.10 6.14 10.62
CA GLU A 65 23.01 5.29 11.40
C GLU A 65 22.40 4.93 12.74
N ALA A 66 21.69 5.87 13.37
CA ALA A 66 21.05 5.59 14.65
C ALA A 66 19.99 4.50 14.53
N ALA A 67 19.50 4.23 13.33
CA ALA A 67 18.46 3.23 13.13
C ALA A 67 19.01 1.89 12.65
N ARG A 68 20.32 1.78 12.46
CA ARG A 68 20.92 0.53 12.01
C ARG A 68 20.66 -0.56 13.04
N PRO A 69 20.06 -1.69 12.65
CA PRO A 69 19.74 -2.74 13.62
C PRO A 69 20.94 -3.63 13.91
N GLU A 70 20.82 -4.38 15.00
CA GLU A 70 21.78 -5.43 15.27
C GLU A 70 21.52 -6.60 14.34
N ILE A 71 22.58 -7.10 13.69
CA ILE A 71 22.46 -8.16 12.69
C ILE A 71 22.72 -9.51 13.34
N THR A 72 21.79 -10.45 13.12
CA THR A 72 21.96 -11.83 13.54
C THR A 72 21.63 -12.75 12.37
N TYR A 73 22.13 -13.98 12.43
CA TYR A 73 21.91 -14.97 11.38
C TYR A 73 21.44 -16.29 11.95
N PRO A 74 20.44 -16.92 11.33
CA PRO A 74 20.10 -18.30 11.70
C PRO A 74 21.31 -19.19 11.56
N ASP A 75 21.62 -19.94 12.61
CA ASP A 75 22.85 -20.73 12.63
C ASP A 75 22.81 -21.88 11.63
N ASN A 76 21.62 -22.39 11.30
CA ASN A 76 21.46 -23.58 10.49
C ASN A 76 21.59 -23.32 8.99
N LEU A 77 21.81 -22.08 8.58
CA LEU A 77 21.80 -21.85 7.14
C LEU A 77 23.21 -21.85 6.57
N PRO A 78 23.39 -22.46 5.39
CA PRO A 78 24.70 -22.38 4.74
C PRO A 78 25.17 -20.96 4.50
N VAL A 79 24.28 -20.06 4.09
CA VAL A 79 24.67 -18.66 3.91
C VAL A 79 25.12 -18.05 5.23
N SER A 80 24.40 -18.35 6.32
CA SER A 80 24.83 -17.88 7.63
C SER A 80 26.21 -18.42 7.97
N GLN A 81 26.45 -19.70 7.72
CA GLN A 81 27.72 -20.33 8.02
C GLN A 81 28.87 -19.81 7.16
N LYS A 82 28.58 -19.24 5.99
CA LYS A 82 29.60 -18.75 5.08
C LYS A 82 29.60 -17.24 4.99
N LYS A 83 29.05 -16.56 6.01
CA LYS A 83 28.80 -15.14 5.87
C LYS A 83 30.10 -14.34 5.73
N GLN A 84 31.17 -14.76 6.39
CA GLN A 84 32.41 -14.02 6.30
C GLN A 84 33.00 -14.08 4.89
N ASP A 85 32.96 -15.26 4.26
CA ASP A 85 33.43 -15.37 2.89
C ASP A 85 32.57 -14.53 1.96
N ILE A 86 31.25 -14.62 2.11
CA ILE A 86 30.35 -13.80 1.30
C ILE A 86 30.64 -12.32 1.53
N LEU A 87 30.76 -11.92 2.80
CA LEU A 87 31.00 -10.52 3.13
C LEU A 87 32.29 -10.01 2.50
N GLU A 88 33.35 -10.83 2.54
CA GLU A 88 34.62 -10.40 1.97
C GLU A 88 34.57 -10.32 0.45
N ALA A 89 33.80 -11.22 -0.19
CA ALA A 89 33.66 -11.14 -1.64
C ALA A 89 32.94 -9.87 -2.05
N ILE A 90 31.83 -9.55 -1.36
CA ILE A 90 31.10 -8.32 -1.66
C ILE A 90 31.99 -7.11 -1.43
N ARG A 91 32.70 -7.10 -0.31
CA ARG A 91 33.56 -5.97 0.01
C ARG A 91 34.54 -5.70 -1.12
N ASP A 92 35.26 -6.73 -1.56
CA ASP A 92 36.42 -6.57 -2.42
C ASP A 92 36.10 -6.64 -3.92
N HIS A 93 34.84 -6.78 -4.29
CA HIS A 93 34.46 -6.85 -5.70
C HIS A 93 33.23 -5.99 -5.93
N GLN A 94 33.13 -5.40 -7.13
CA GLN A 94 31.97 -4.58 -7.45
C GLN A 94 30.78 -5.43 -7.86
N VAL A 95 31.00 -6.62 -8.40
CA VAL A 95 29.93 -7.53 -8.79
C VAL A 95 30.28 -8.91 -8.28
N VAL A 96 29.31 -9.57 -7.64
CA VAL A 96 29.47 -10.94 -7.18
C VAL A 96 28.28 -11.76 -7.68
N ILE A 97 28.54 -13.02 -8.00
CA ILE A 97 27.51 -13.98 -8.38
C ILE A 97 27.40 -14.97 -7.22
N VAL A 98 26.34 -14.86 -6.44
CA VAL A 98 26.08 -15.76 -5.32
C VAL A 98 25.09 -16.81 -5.82
N ALA A 99 25.55 -18.05 -5.95
CA ALA A 99 24.72 -19.14 -6.45
C ALA A 99 24.70 -20.27 -5.44
N GLY A 100 23.53 -20.87 -5.25
CA GLY A 100 23.40 -21.97 -4.30
C GLY A 100 22.00 -22.55 -4.36
N GLU A 101 21.89 -23.77 -3.85
CA GLU A 101 20.61 -24.45 -3.85
C GLU A 101 19.54 -23.61 -3.16
N THR A 102 18.28 -23.90 -3.44
CA THR A 102 17.22 -23.23 -2.72
C THR A 102 17.23 -23.69 -1.26
N GLY A 103 16.95 -22.75 -0.35
CA GLY A 103 17.02 -23.03 1.06
C GLY A 103 18.36 -22.73 1.70
N SER A 104 19.33 -22.19 0.95
CA SER A 104 20.62 -21.88 1.52
C SER A 104 20.55 -20.65 2.43
N GLY A 105 19.59 -19.78 2.19
CA GLY A 105 19.56 -18.49 2.86
C GLY A 105 20.09 -17.34 2.04
N LYS A 106 20.09 -17.46 0.72
CA LYS A 106 20.50 -16.33 -0.12
C LYS A 106 19.54 -15.16 0.03
N THR A 107 18.25 -15.40 -0.16
CA THR A 107 17.29 -14.30 -0.22
C THR A 107 17.18 -13.57 1.10
N THR A 108 17.13 -14.31 2.21
CA THR A 108 16.90 -13.67 3.51
C THR A 108 18.16 -13.16 4.18
N GLN A 109 19.34 -13.71 3.88
CA GLN A 109 20.54 -13.33 4.61
C GLN A 109 21.47 -12.39 3.85
N LEU A 110 21.46 -12.41 2.51
CA LEU A 110 22.34 -11.50 1.78
C LEU A 110 22.12 -10.05 2.14
N PRO A 111 20.89 -9.52 2.22
CA PRO A 111 20.72 -8.11 2.58
C PRO A 111 21.34 -7.79 3.93
N LYS A 112 21.22 -8.69 4.90
CA LYS A 112 21.86 -8.50 6.19
C LYS A 112 23.38 -8.37 6.02
N ILE A 113 23.97 -9.20 5.18
CA ILE A 113 25.42 -9.18 5.00
C ILE A 113 25.87 -7.81 4.50
N CYS A 114 25.12 -7.22 3.57
CA CYS A 114 25.48 -5.89 3.08
C CYS A 114 25.38 -4.85 4.20
N MET A 115 24.36 -4.96 5.05
CA MET A 115 24.26 -4.04 6.18
C MET A 115 25.45 -4.21 7.12
N GLU A 116 25.87 -5.45 7.37
CA GLU A 116 27.01 -5.66 8.25
C GLU A 116 28.28 -5.07 7.64
N LEU A 117 28.38 -5.09 6.31
CA LEU A 117 29.51 -4.46 5.62
C LEU A 117 29.54 -2.96 5.85
N GLY A 118 28.42 -2.35 6.23
CA GLY A 118 28.30 -0.92 6.31
C GLY A 118 27.46 -0.30 5.22
N ARG A 119 27.02 -1.09 4.23
CA ARG A 119 26.20 -0.56 3.17
C ARG A 119 24.77 -0.36 3.66
N GLY A 120 23.97 0.35 2.88
CA GLY A 120 22.61 0.66 3.24
C GLY A 120 22.43 1.98 3.98
N ILE A 121 23.49 2.69 4.33
CA ILE A 121 23.35 3.97 5.03
C ILE A 121 23.38 5.10 4.03
N LYS A 122 24.49 5.25 3.31
CA LYS A 122 24.61 6.34 2.35
C LYS A 122 23.78 6.09 1.09
N GLY A 123 23.39 4.85 0.85
CA GLY A 123 22.46 4.51 -0.22
C GLY A 123 21.66 3.32 0.24
N LEU A 124 20.61 3.01 -0.51
CA LEU A 124 19.78 1.87 -0.16
C LEU A 124 20.33 0.60 -0.76
N ILE A 125 20.02 -0.52 -0.11
CA ILE A 125 20.25 -1.86 -0.64
C ILE A 125 18.97 -2.28 -1.34
N GLY A 126 18.91 -2.07 -2.65
CA GLY A 126 17.77 -2.53 -3.42
C GLY A 126 17.86 -4.03 -3.68
N HIS A 127 16.73 -4.71 -3.58
CA HIS A 127 16.66 -6.17 -3.66
C HIS A 127 15.46 -6.53 -4.50
N THR A 128 15.68 -7.05 -5.72
CA THR A 128 14.59 -7.27 -6.65
C THR A 128 14.11 -8.72 -6.58
N GLN A 129 12.83 -8.91 -6.90
CA GLN A 129 12.16 -10.19 -7.00
C GLN A 129 11.32 -10.20 -8.26
N PRO A 130 11.04 -11.39 -8.81
CA PRO A 130 10.14 -11.44 -9.97
C PRO A 130 8.68 -11.24 -9.61
N ARG A 131 8.27 -11.62 -8.39
CA ARG A 131 6.88 -11.55 -7.97
C ARG A 131 6.72 -10.56 -6.83
N ARG A 132 5.63 -9.78 -6.84
CA ARG A 132 5.41 -8.82 -5.77
C ARG A 132 5.13 -9.50 -4.45
N LEU A 133 4.46 -10.65 -4.48
CA LEU A 133 4.24 -11.40 -3.24
C LEU A 133 5.56 -11.76 -2.57
N ALA A 134 6.56 -12.17 -3.36
CA ALA A 134 7.87 -12.48 -2.80
C ALA A 134 8.51 -11.25 -2.17
N ALA A 135 8.44 -10.10 -2.86
CA ALA A 135 9.04 -8.89 -2.32
C ALA A 135 8.46 -8.53 -0.96
N ARG A 136 7.13 -8.53 -0.85
CA ARG A 136 6.50 -8.25 0.44
C ARG A 136 6.85 -9.31 1.47
N THR A 137 6.82 -10.59 1.08
CA THR A 137 7.04 -11.68 2.02
C THR A 137 8.48 -11.69 2.53
N VAL A 138 9.45 -11.45 1.65
CA VAL A 138 10.85 -11.44 2.08
C VAL A 138 11.12 -10.27 3.01
N ALA A 139 10.58 -9.09 2.68
CA ALA A 139 10.79 -7.92 3.53
C ALA A 139 10.19 -8.17 4.92
N ASN A 140 8.98 -8.74 4.98
CA ASN A 140 8.42 -9.09 6.27
C ASN A 140 9.31 -10.07 7.01
N ARG A 141 9.88 -11.04 6.28
CA ARG A 141 10.69 -12.07 6.92
C ARG A 141 11.96 -11.49 7.52
N ILE A 142 12.74 -10.74 6.72
CA ILE A 142 13.98 -10.17 7.23
C ILE A 142 13.68 -9.23 8.40
N ALA A 143 12.63 -8.43 8.26
CA ALA A 143 12.26 -7.52 9.35
C ALA A 143 11.94 -8.29 10.62
N GLU A 144 11.22 -9.41 10.49
CA GLU A 144 10.97 -10.26 11.65
C GLU A 144 12.27 -10.80 12.22
N GLU A 145 13.12 -11.38 11.37
CA GLU A 145 14.39 -11.94 11.85
C GLU A 145 15.21 -10.90 12.59
N LEU A 146 15.13 -9.63 12.19
CA LEU A 146 15.86 -8.56 12.83
C LEU A 146 15.07 -7.91 13.95
N LYS A 147 13.89 -8.45 14.28
CA LYS A 147 13.09 -7.92 15.36
C LYS A 147 12.80 -6.43 15.13
N THR A 148 12.38 -6.12 13.91
CA THR A 148 12.05 -4.77 13.49
C THR A 148 10.72 -4.78 12.74
N GLU A 149 10.10 -3.61 12.65
CA GLU A 149 8.82 -3.49 11.94
C GLU A 149 9.07 -3.26 10.45
N PRO A 150 8.32 -3.95 9.59
CA PRO A 150 8.45 -3.68 8.15
C PRO A 150 8.15 -2.23 7.86
N GLY A 151 8.90 -1.66 6.90
CA GLY A 151 8.88 -0.23 6.67
C GLY A 151 9.94 0.54 7.43
N GLY A 152 10.57 -0.10 8.41
CA GLY A 152 11.66 0.47 9.17
C GLY A 152 12.94 0.28 8.37
N CYS A 153 13.98 -0.26 9.00
CA CYS A 153 15.22 -0.44 8.25
C CYS A 153 15.03 -1.39 7.07
N ILE A 154 14.10 -2.34 7.17
CA ILE A 154 13.72 -3.22 6.07
C ILE A 154 12.36 -2.79 5.56
N GLY A 155 12.28 -2.45 4.27
CA GLY A 155 11.02 -2.07 3.65
C GLY A 155 10.85 -2.73 2.30
N TYR A 156 9.74 -2.40 1.63
CA TYR A 156 9.47 -2.91 0.29
C TYR A 156 8.63 -1.92 -0.48
N LYS A 157 8.75 -1.97 -1.81
CA LYS A 157 7.98 -1.14 -2.73
C LYS A 157 7.54 -2.02 -3.90
N VAL A 158 6.24 -2.31 -3.97
CA VAL A 158 5.67 -3.05 -5.09
C VAL A 158 4.53 -2.22 -5.68
N ARG A 159 3.92 -2.71 -6.75
CA ARG A 159 2.75 -2.03 -7.28
C ARG A 159 1.67 -1.95 -6.22
N PHE A 160 1.16 -0.74 -5.99
CA PHE A 160 0.04 -0.44 -5.11
C PHE A 160 0.38 -0.47 -3.62
N SER A 161 1.63 -0.72 -3.23
CA SER A 161 1.95 -0.85 -1.81
C SER A 161 3.40 -0.50 -1.56
N ASN A 162 3.64 0.63 -0.91
CA ASN A 162 4.98 1.17 -0.67
C ASN A 162 5.21 1.28 0.84
N HIS A 163 5.83 0.27 1.44
CA HIS A 163 6.16 0.29 2.87
C HIS A 163 7.64 0.64 3.04
N VAL A 164 7.93 1.93 3.03
CA VAL A 164 9.27 2.44 3.23
C VAL A 164 9.22 3.57 4.23
N SER A 165 10.39 4.15 4.52
CA SER A 165 10.51 5.27 5.43
C SER A 165 11.88 5.89 5.22
N ASP A 166 12.08 7.06 5.83
CA ASP A 166 13.36 7.73 5.67
C ASP A 166 14.52 6.89 6.18
N ASN A 167 14.26 5.90 7.04
CA ASN A 167 15.28 5.05 7.62
C ASN A 167 15.40 3.69 6.96
N THR A 168 14.71 3.47 5.84
CA THR A 168 14.78 2.17 5.21
C THR A 168 16.16 1.97 4.60
N MET A 169 16.79 0.83 4.92
CA MET A 169 18.11 0.49 4.42
C MET A 169 18.07 -0.59 3.37
N VAL A 170 17.16 -1.55 3.53
CA VAL A 170 16.93 -2.60 2.54
C VAL A 170 15.56 -2.37 1.96
N LYS A 171 15.46 -2.36 0.64
CA LYS A 171 14.21 -2.09 -0.06
C LYS A 171 13.93 -3.26 -0.99
N LEU A 172 12.96 -4.09 -0.62
CA LEU A 172 12.52 -5.17 -1.50
C LEU A 172 11.51 -4.62 -2.50
N MET A 173 11.59 -5.12 -3.73
CA MET A 173 10.76 -4.62 -4.82
C MET A 173 10.74 -5.69 -5.90
N THR A 174 9.85 -5.51 -6.87
CA THR A 174 9.90 -6.30 -8.08
C THR A 174 10.95 -5.72 -9.00
N ASP A 175 11.58 -6.59 -9.81
CA ASP A 175 12.54 -6.08 -10.79
C ASP A 175 11.89 -5.06 -11.71
N GLY A 176 10.58 -5.19 -11.95
CA GLY A 176 9.89 -4.19 -12.75
C GLY A 176 9.79 -2.83 -12.08
N ILE A 177 9.62 -2.81 -10.75
CA ILE A 177 9.64 -1.53 -10.03
C ILE A 177 10.97 -0.83 -10.20
N LEU A 178 12.06 -1.59 -10.06
CA LEU A 178 13.39 -1.02 -10.22
C LEU A 178 13.59 -0.46 -11.63
N LEU A 179 13.13 -1.19 -12.65
CA LEU A 179 13.23 -0.68 -14.01
C LEU A 179 12.43 0.60 -14.18
N ALA A 180 11.25 0.69 -13.56
CA ALA A 180 10.46 1.90 -13.68
C ALA A 180 11.14 3.10 -13.03
N GLU A 181 11.99 2.86 -12.03
CA GLU A 181 12.67 3.97 -11.37
C GLU A 181 13.80 4.56 -12.21
N ILE A 182 14.18 3.90 -13.31
CA ILE A 182 15.33 4.36 -14.08
C ILE A 182 15.08 5.71 -14.73
N GLN A 183 13.86 5.94 -15.25
CA GLN A 183 13.62 7.16 -16.01
C GLN A 183 13.56 8.40 -15.14
N GLN A 184 13.57 8.28 -13.82
CA GLN A 184 13.71 9.43 -12.94
C GLN A 184 15.03 9.43 -12.19
N ASP A 185 15.80 8.33 -12.25
CA ASP A 185 17.12 8.29 -11.62
C ASP A 185 17.97 7.36 -12.49
N ARG A 186 18.71 7.96 -13.42
CA ARG A 186 19.43 7.16 -14.42
C ARG A 186 20.68 6.54 -13.83
N LEU A 187 21.27 7.16 -12.82
CA LEU A 187 22.43 6.63 -12.13
C LEU A 187 22.04 5.74 -10.97
N LEU A 188 20.75 5.60 -10.69
CA LEU A 188 20.27 4.80 -9.57
C LEU A 188 20.96 5.24 -8.27
N MET A 189 21.12 6.56 -8.12
CA MET A 189 21.80 7.13 -6.97
C MET A 189 21.08 6.83 -5.67
N GLN A 190 19.83 6.38 -5.73
CA GLN A 190 19.15 5.96 -4.50
C GLN A 190 19.85 4.78 -3.84
N TYR A 191 20.59 3.98 -4.61
CA TYR A 191 21.12 2.70 -4.14
C TYR A 191 22.64 2.71 -4.11
N ASP A 192 23.21 2.17 -3.04
CA ASP A 192 24.63 1.82 -3.03
C ASP A 192 24.84 0.33 -3.24
N THR A 193 23.76 -0.43 -3.37
CA THR A 193 23.83 -1.88 -3.51
C THR A 193 22.54 -2.34 -4.18
N ILE A 194 22.66 -3.22 -5.17
CA ILE A 194 21.49 -3.79 -5.83
C ILE A 194 21.66 -5.30 -5.89
N ILE A 195 20.68 -6.03 -5.35
CA ILE A 195 20.64 -7.49 -5.38
C ILE A 195 19.55 -7.88 -6.37
N ILE A 196 19.93 -8.59 -7.42
CA ILE A 196 19.00 -9.11 -8.42
C ILE A 196 18.75 -10.56 -8.04
N ASP A 197 17.57 -10.84 -7.47
CA ASP A 197 17.29 -12.17 -6.97
C ASP A 197 16.56 -13.01 -8.02
N GLU A 198 16.62 -14.33 -7.84
CA GLU A 198 16.01 -15.27 -8.78
C GLU A 198 16.50 -15.04 -10.20
N ALA A 199 17.74 -14.53 -10.32
CA ALA A 199 18.22 -14.07 -11.62
C ALA A 199 18.21 -15.17 -12.67
N HIS A 200 18.30 -16.43 -12.25
CA HIS A 200 18.32 -17.54 -13.20
C HIS A 200 17.01 -17.69 -13.97
N GLU A 201 15.94 -17.00 -13.56
CA GLU A 201 14.70 -17.07 -14.32
C GLU A 201 14.87 -16.44 -15.70
N ARG A 202 15.80 -15.50 -15.83
CA ARG A 202 16.15 -14.94 -17.14
C ARG A 202 14.93 -14.37 -17.85
N SER A 203 14.09 -13.65 -17.11
CA SER A 203 12.99 -12.91 -17.68
C SER A 203 13.52 -11.69 -18.43
N LEU A 204 12.65 -11.09 -19.26
CA LEU A 204 13.02 -9.82 -19.88
C LEU A 204 13.43 -8.81 -18.82
N ASN A 205 12.65 -8.72 -17.74
CA ASN A 205 12.97 -7.77 -16.68
C ASN A 205 14.36 -7.99 -16.12
N ILE A 206 14.74 -9.24 -15.87
CA ILE A 206 16.05 -9.51 -15.30
C ILE A 206 17.14 -9.16 -16.30
N ASP A 207 17.01 -9.64 -17.54
CA ASP A 207 18.02 -9.33 -18.54
C ASP A 207 18.14 -7.84 -18.77
N PHE A 208 17.02 -7.10 -18.75
CA PHE A 208 17.09 -5.65 -18.87
C PHE A 208 17.92 -5.05 -17.75
N LEU A 209 17.71 -5.51 -16.52
CA LEU A 209 18.49 -4.99 -15.38
C LEU A 209 19.97 -5.35 -15.53
N LEU A 210 20.25 -6.61 -15.88
CA LEU A 210 21.65 -7.01 -16.03
C LEU A 210 22.32 -6.21 -17.13
N GLY A 211 21.60 -5.97 -18.23
CA GLY A 211 22.14 -5.12 -19.28
C GLY A 211 22.39 -3.69 -18.82
N TYR A 212 21.37 -3.06 -18.21
CA TYR A 212 21.53 -1.67 -17.80
C TYR A 212 22.55 -1.53 -16.67
N LEU A 213 22.57 -2.48 -15.73
CA LEU A 213 23.56 -2.45 -14.67
C LEU A 213 24.98 -2.51 -15.23
N LYS A 214 25.22 -3.37 -16.23
CA LYS A 214 26.55 -3.46 -16.82
C LYS A 214 26.96 -2.14 -17.47
N GLU A 215 26.02 -1.50 -18.18
CA GLU A 215 26.30 -0.18 -18.73
C GLU A 215 26.56 0.83 -17.62
N LEU A 216 25.84 0.70 -16.51
CA LEU A 216 25.83 1.74 -15.49
C LEU A 216 27.12 1.74 -14.68
N LEU A 217 27.70 0.56 -14.43
CA LEU A 217 28.78 0.44 -13.45
C LEU A 217 29.92 1.42 -13.67
N PRO A 218 30.38 1.67 -14.89
CA PRO A 218 31.46 2.65 -15.06
C PRO A 218 31.12 4.04 -14.55
N ARG A 219 29.84 4.42 -14.57
CA ARG A 219 29.41 5.71 -14.03
C ARG A 219 29.11 5.63 -12.53
N ARG A 220 29.17 4.44 -11.93
CA ARG A 220 28.78 4.24 -10.52
C ARG A 220 29.85 3.42 -9.81
N PRO A 221 31.03 3.99 -9.59
CA PRO A 221 32.09 3.24 -8.89
C PRO A 221 31.76 2.97 -7.43
N ASP A 222 30.79 3.69 -6.85
CA ASP A 222 30.35 3.46 -5.48
C ASP A 222 29.21 2.47 -5.41
N LEU A 223 28.83 1.84 -6.53
CA LEU A 223 27.74 0.89 -6.58
C LEU A 223 28.28 -0.53 -6.55
N LYS A 224 27.59 -1.41 -5.82
CA LYS A 224 27.91 -2.83 -5.80
C LYS A 224 26.70 -3.63 -6.23
N ILE A 225 26.97 -4.69 -6.99
CA ILE A 225 25.94 -5.53 -7.59
C ILE A 225 26.12 -6.94 -7.05
N ILE A 226 25.01 -7.59 -6.70
CA ILE A 226 25.04 -8.99 -6.28
C ILE A 226 23.98 -9.72 -7.10
N ILE A 227 24.43 -10.62 -7.97
CA ILE A 227 23.55 -11.44 -8.78
C ILE A 227 23.31 -12.74 -8.03
N THR A 228 22.07 -13.00 -7.64
CA THR A 228 21.73 -14.17 -6.85
C THR A 228 20.87 -15.10 -7.70
N SER A 229 21.26 -16.37 -7.76
CA SER A 229 20.53 -17.31 -8.60
C SER A 229 20.69 -18.74 -8.10
N ALA A 230 19.86 -19.61 -8.64
CA ALA A 230 20.05 -21.04 -8.47
C ALA A 230 21.33 -21.46 -9.17
N THR A 231 21.75 -22.71 -8.92
CA THR A 231 22.98 -23.20 -9.52
C THR A 231 22.66 -23.72 -10.92
N ILE A 232 22.38 -22.76 -11.81
CA ILE A 232 22.09 -23.02 -13.22
C ILE A 232 22.98 -22.09 -14.01
N ASP A 233 24.06 -22.65 -14.58
CA ASP A 233 24.93 -21.90 -15.48
C ASP A 233 25.24 -20.49 -14.98
N PRO A 234 25.73 -20.33 -13.74
CA PRO A 234 26.08 -18.98 -13.26
C PRO A 234 27.32 -18.42 -13.93
N GLU A 235 28.11 -19.24 -14.64
CA GLU A 235 29.25 -18.71 -15.36
C GLU A 235 28.84 -17.76 -16.48
N ARG A 236 27.62 -17.88 -16.99
CA ARG A 236 27.13 -16.90 -17.96
C ARG A 236 27.00 -15.52 -17.32
N PHE A 237 26.47 -15.45 -16.09
CA PHE A 237 26.43 -14.18 -15.38
C PHE A 237 27.85 -13.69 -15.13
N SER A 238 28.73 -14.59 -14.70
CA SER A 238 30.12 -14.21 -14.43
C SER A 238 30.77 -13.61 -15.68
N ARG A 239 30.62 -14.28 -16.82
CA ARG A 239 31.22 -13.77 -18.05
C ARG A 239 30.65 -12.40 -18.40
N HIS A 240 29.33 -12.23 -18.21
CA HIS A 240 28.70 -10.96 -18.56
C HIS A 240 29.34 -9.80 -17.82
N PHE A 241 29.53 -9.94 -16.51
CA PHE A 241 30.15 -8.89 -15.70
C PHE A 241 31.65 -9.07 -15.60
N ASN A 242 32.31 -9.20 -16.75
CA ASN A 242 33.77 -9.26 -16.84
C ASN A 242 34.36 -10.28 -15.85
N ASN A 243 33.78 -11.47 -15.87
CA ASN A 243 34.23 -12.58 -15.03
C ASN A 243 34.22 -12.21 -13.54
N ALA A 244 33.04 -11.80 -13.08
CA ALA A 244 32.84 -11.61 -11.66
C ALA A 244 32.94 -12.94 -10.92
N PRO A 245 33.46 -12.93 -9.69
CA PRO A 245 33.60 -14.19 -8.96
C PRO A 245 32.23 -14.79 -8.62
N ILE A 246 32.21 -16.13 -8.56
CA ILE A 246 31.04 -16.90 -8.19
C ILE A 246 31.29 -17.51 -6.81
N ILE A 247 30.42 -17.19 -5.86
CA ILE A 247 30.47 -17.83 -4.54
C ILE A 247 29.31 -18.80 -4.46
N GLU A 248 29.63 -20.08 -4.31
CA GLU A 248 28.64 -21.15 -4.26
C GLU A 248 28.33 -21.44 -2.79
N VAL A 249 27.11 -21.13 -2.37
CA VAL A 249 26.75 -21.09 -0.95
C VAL A 249 25.88 -22.27 -0.54
N SER A 250 25.76 -23.30 -1.36
CA SER A 250 25.04 -24.48 -0.92
C SER A 250 25.80 -25.16 0.21
N GLY A 251 25.06 -25.89 1.03
CA GLY A 251 25.66 -26.75 2.03
C GLY A 251 26.02 -28.09 1.43
N ARG A 252 25.97 -29.13 2.26
CA ARG A 252 26.24 -30.46 1.78
C ARG A 252 25.20 -30.85 0.74
N THR A 253 25.64 -31.58 -0.29
CA THR A 253 24.75 -32.09 -1.32
C THR A 253 24.27 -33.48 -0.93
N TYR A 254 22.96 -33.69 -0.96
CA TYR A 254 22.39 -34.99 -0.65
C TYR A 254 21.75 -35.55 -1.91
N PRO A 255 22.40 -36.49 -2.60
CA PRO A 255 21.85 -36.94 -3.88
C PRO A 255 20.43 -37.47 -3.70
N VAL A 256 19.58 -37.17 -4.69
CA VAL A 256 18.18 -37.58 -4.65
C VAL A 256 17.98 -38.75 -5.59
N GLU A 257 17.23 -39.76 -5.15
CA GLU A 257 16.89 -40.87 -6.02
C GLU A 257 15.81 -40.44 -7.00
N VAL A 258 16.02 -40.76 -8.27
CA VAL A 258 15.07 -40.43 -9.33
C VAL A 258 14.40 -41.73 -9.77
N ARG A 259 13.08 -41.72 -9.80
CA ARG A 259 12.31 -42.83 -10.32
C ARG A 259 11.49 -42.32 -11.50
N TYR A 260 11.67 -42.95 -12.66
CA TYR A 260 10.90 -42.60 -13.84
C TYR A 260 9.65 -43.47 -13.89
N ARG A 261 8.50 -42.82 -13.92
CA ARG A 261 7.20 -43.47 -13.95
C ARG A 261 6.39 -42.86 -15.08
N PRO A 262 6.72 -43.19 -16.31
CA PRO A 262 5.96 -42.65 -17.44
C PRO A 262 4.49 -43.01 -17.31
N ILE A 263 3.63 -42.07 -17.70
CA ILE A 263 2.20 -42.20 -17.43
C ILE A 263 1.64 -43.29 -18.34
N VAL A 264 1.18 -44.38 -17.75
CA VAL A 264 0.49 -45.41 -18.51
C VAL A 264 -0.87 -44.88 -18.93
N GLU A 265 -1.20 -45.04 -20.21
CA GLU A 265 -2.51 -44.61 -20.71
C GLU A 265 -3.53 -45.74 -20.52
N GLU A 266 -3.72 -46.08 -19.24
CA GLU A 266 -4.55 -47.21 -18.85
C GLU A 266 -6.04 -46.86 -18.93
N ALA A 267 -6.42 -45.72 -18.35
CA ALA A 267 -7.81 -45.28 -18.46
C ALA A 267 -8.13 -44.77 -19.86
N ASP A 268 -7.10 -44.44 -20.65
CA ASP A 268 -7.23 -43.91 -22.00
C ASP A 268 -7.68 -42.45 -22.00
N ASP A 269 -7.97 -41.92 -20.81
CA ASP A 269 -8.34 -40.53 -20.66
C ASP A 269 -7.11 -39.76 -20.20
N THR A 270 -6.77 -38.67 -20.90
CA THR A 270 -5.56 -37.94 -20.57
C THR A 270 -5.61 -37.33 -19.17
N GLU A 271 -6.81 -36.94 -18.72
CA GLU A 271 -6.92 -36.30 -17.41
C GLU A 271 -6.99 -37.32 -16.28
N ARG A 272 -7.68 -38.44 -16.49
CA ARG A 272 -7.67 -39.49 -15.47
C ARG A 272 -6.32 -40.20 -15.45
N ASP A 273 -5.69 -40.38 -16.62
CA ASP A 273 -4.41 -41.07 -16.67
C ASP A 273 -3.35 -40.32 -15.87
N GLN A 274 -3.39 -38.99 -15.87
CA GLN A 274 -2.44 -38.24 -15.07
C GLN A 274 -2.76 -38.34 -13.59
N LEU A 275 -4.04 -38.20 -13.23
CA LEU A 275 -4.41 -38.31 -11.83
C LEU A 275 -3.99 -39.67 -11.26
N GLN A 276 -4.23 -40.74 -12.01
CA GLN A 276 -3.88 -42.06 -11.52
C GLN A 276 -2.37 -42.23 -11.39
N ALA A 277 -1.60 -41.58 -12.26
CA ALA A 277 -0.15 -41.58 -12.09
C ALA A 277 0.26 -40.89 -10.80
N ILE A 278 -0.41 -39.79 -10.45
CA ILE A 278 -0.13 -39.12 -9.19
C ILE A 278 -0.54 -40.01 -8.02
N PHE A 279 -1.69 -40.68 -8.13
CA PHE A 279 -2.10 -41.61 -7.10
C PHE A 279 -1.07 -42.73 -6.92
N ASP A 280 -0.57 -43.27 -8.03
CA ASP A 280 0.42 -44.34 -7.96
C ASP A 280 1.75 -43.85 -7.38
N ALA A 281 2.13 -42.61 -7.69
CA ALA A 281 3.33 -42.04 -7.07
C ALA A 281 3.14 -41.89 -5.56
N VAL A 282 2.00 -41.34 -5.16
CA VAL A 282 1.71 -41.15 -3.74
C VAL A 282 1.76 -42.49 -3.00
N ASP A 283 1.17 -43.54 -3.59
CA ASP A 283 1.23 -44.86 -2.99
C ASP A 283 2.68 -45.33 -2.85
N GLU A 284 3.45 -45.25 -3.93
CA GLU A 284 4.83 -45.71 -3.91
C GLU A 284 5.64 -45.01 -2.83
N LEU A 285 5.35 -43.73 -2.57
CA LEU A 285 6.13 -42.97 -1.60
C LEU A 285 5.71 -43.25 -0.17
N SER A 286 4.41 -43.49 0.07
CA SER A 286 3.98 -43.79 1.43
C SER A 286 4.54 -45.10 1.93
N GLN A 287 5.11 -45.93 1.05
CA GLN A 287 5.84 -47.13 1.44
C GLN A 287 7.29 -46.82 1.82
N GLU A 288 7.61 -45.54 2.02
CA GLU A 288 8.96 -45.12 2.39
C GLU A 288 8.91 -44.39 3.72
N SER A 289 10.09 -44.11 4.27
CA SER A 289 10.20 -43.53 5.59
C SER A 289 9.43 -42.20 5.66
N PRO A 290 9.17 -41.71 6.88
CA PRO A 290 8.32 -40.54 7.03
C PRO A 290 8.83 -39.34 6.24
N GLY A 291 7.90 -38.58 5.68
CA GLY A 291 8.25 -37.39 4.93
C GLY A 291 7.12 -36.81 4.11
N ASP A 292 7.08 -35.48 4.00
CA ASP A 292 6.06 -34.81 3.23
C ASP A 292 6.38 -34.86 1.74
N ILE A 293 5.33 -34.72 0.92
CA ILE A 293 5.42 -34.81 -0.52
C ILE A 293 5.09 -33.45 -1.12
N LEU A 294 5.85 -33.05 -2.14
CA LEU A 294 5.61 -31.82 -2.89
C LEU A 294 5.33 -32.21 -4.33
N ILE A 295 4.11 -31.95 -4.79
CA ILE A 295 3.69 -32.23 -6.16
C ILE A 295 3.70 -30.92 -6.94
N PHE A 296 4.42 -30.90 -8.05
CA PHE A 296 4.45 -29.72 -8.90
C PHE A 296 3.28 -29.74 -9.88
N MET A 297 2.71 -28.56 -10.10
CA MET A 297 1.56 -28.40 -10.98
C MET A 297 1.81 -27.21 -11.91
N SER A 298 1.07 -27.17 -13.01
CA SER A 298 1.24 -26.13 -14.02
C SER A 298 0.31 -24.95 -13.85
N GLY A 299 -0.69 -25.05 -12.98
CA GLY A 299 -1.59 -23.94 -12.77
C GLY A 299 -2.38 -24.14 -11.49
N GLU A 300 -3.19 -23.14 -11.17
CA GLU A 300 -3.96 -23.20 -9.94
C GLU A 300 -5.29 -23.94 -10.11
N ARG A 301 -5.86 -23.89 -11.31
CA ARG A 301 -6.97 -24.78 -11.62
C ARG A 301 -6.55 -26.24 -11.49
N GLU A 302 -5.35 -26.58 -11.96
CA GLU A 302 -4.86 -27.94 -11.79
C GLU A 302 -4.67 -28.28 -10.31
N ILE A 303 -4.15 -27.33 -9.53
CA ILE A 303 -3.99 -27.57 -8.10
C ILE A 303 -5.35 -27.87 -7.46
N ARG A 304 -6.35 -27.08 -7.81
CA ARG A 304 -7.68 -27.27 -7.21
C ARG A 304 -8.25 -28.64 -7.55
N ASP A 305 -8.21 -29.02 -8.84
CA ASP A 305 -8.75 -30.31 -9.25
C ASP A 305 -7.97 -31.46 -8.62
N THR A 306 -6.64 -31.35 -8.57
CA THR A 306 -5.82 -32.43 -8.03
C THR A 306 -5.99 -32.54 -6.52
N ALA A 307 -6.09 -31.40 -5.83
CA ALA A 307 -6.36 -31.43 -4.40
C ALA A 307 -7.73 -32.01 -4.11
N ASP A 308 -8.72 -31.65 -4.92
CA ASP A 308 -10.05 -32.25 -4.78
C ASP A 308 -9.97 -33.77 -4.94
N ALA A 309 -9.22 -34.23 -5.95
CA ALA A 309 -9.09 -35.66 -6.17
C ALA A 309 -8.46 -36.36 -4.97
N LEU A 310 -7.30 -35.86 -4.52
CA LEU A 310 -6.60 -36.52 -3.42
C LEU A 310 -7.45 -36.59 -2.16
N ASN A 311 -8.34 -35.63 -1.96
CA ASN A 311 -9.19 -35.66 -0.77
C ASN A 311 -10.24 -36.75 -0.87
N LYS A 312 -10.78 -36.98 -2.07
CA LYS A 312 -11.73 -38.07 -2.26
C LYS A 312 -11.10 -39.44 -2.02
N LEU A 313 -9.78 -39.51 -1.86
CA LEU A 313 -9.07 -40.77 -1.64
C LEU A 313 -9.11 -41.24 -0.19
N ASN A 314 -9.51 -40.40 0.76
CA ASN A 314 -9.58 -40.78 2.17
C ASN A 314 -8.22 -41.29 2.67
N LEU A 315 -7.18 -40.50 2.42
CA LEU A 315 -5.83 -40.94 2.75
C LEU A 315 -5.60 -40.93 4.27
N ARG A 316 -4.86 -41.93 4.74
CA ARG A 316 -4.67 -42.13 6.17
C ARG A 316 -3.68 -41.11 6.72
N HIS A 317 -4.14 -40.29 7.67
CA HIS A 317 -3.28 -39.34 8.40
C HIS A 317 -2.46 -38.50 7.43
N THR A 318 -3.12 -37.94 6.44
CA THR A 318 -2.48 -37.12 5.42
C THR A 318 -3.31 -35.87 5.19
N GLU A 319 -2.64 -34.72 5.16
CA GLU A 319 -3.27 -33.45 4.88
C GLU A 319 -2.88 -32.99 3.48
N ILE A 320 -3.85 -32.53 2.72
CA ILE A 320 -3.63 -32.01 1.37
C ILE A 320 -3.62 -30.49 1.47
N LEU A 321 -2.44 -29.90 1.30
CA LEU A 321 -2.30 -28.44 1.41
C LEU A 321 -2.04 -27.85 0.04
N PRO A 322 -3.01 -27.19 -0.59
CA PRO A 322 -2.75 -26.50 -1.86
C PRO A 322 -2.20 -25.10 -1.65
N LEU A 323 -1.24 -24.73 -2.50
CA LEU A 323 -0.58 -23.43 -2.41
C LEU A 323 -1.06 -22.57 -3.58
N TYR A 324 -1.92 -21.60 -3.29
CA TYR A 324 -2.42 -20.65 -4.28
C TYR A 324 -1.79 -19.28 -4.07
N ALA A 325 -1.60 -18.56 -5.16
CA ALA A 325 -1.05 -17.22 -5.07
C ALA A 325 -1.91 -16.33 -4.17
N ARG A 326 -3.24 -16.45 -4.29
CA ARG A 326 -4.18 -15.64 -3.53
C ARG A 326 -4.52 -16.24 -2.17
N LEU A 327 -3.66 -17.10 -1.64
CA LEU A 327 -3.92 -17.71 -0.34
C LEU A 327 -3.95 -16.64 0.76
N SER A 328 -4.88 -16.82 1.70
CA SER A 328 -4.93 -15.91 2.84
C SER A 328 -3.60 -15.91 3.58
N ASN A 329 -3.35 -14.83 4.31
CA ASN A 329 -2.19 -14.80 5.19
C ASN A 329 -2.33 -15.77 6.36
N SER A 330 -3.52 -16.33 6.57
CA SER A 330 -3.68 -17.42 7.53
C SER A 330 -3.22 -18.73 6.93
N GLU A 331 -3.80 -19.13 5.80
CA GLU A 331 -3.36 -20.33 5.11
C GLU A 331 -1.93 -20.20 4.60
N GLN A 332 -1.47 -18.97 4.36
CA GLN A 332 -0.09 -18.73 3.96
C GLN A 332 0.90 -19.06 5.08
N ASN A 333 0.43 -19.08 6.32
CA ASN A 333 1.28 -19.32 7.50
C ASN A 333 1.42 -20.82 7.81
N ARG A 334 0.33 -21.57 7.64
CA ARG A 334 0.32 -22.97 8.05
C ARG A 334 1.36 -23.80 7.32
N VAL A 335 1.76 -23.37 6.11
CA VAL A 335 2.72 -24.14 5.34
C VAL A 335 4.07 -24.21 6.03
N PHE A 336 4.36 -23.27 6.94
CA PHE A 336 5.60 -23.28 7.71
C PHE A 336 5.43 -23.82 9.13
N GLN A 337 4.24 -24.31 9.48
CA GLN A 337 3.95 -24.76 10.83
C GLN A 337 3.99 -26.28 10.93
N SER A 338 4.08 -26.76 12.17
CA SER A 338 4.16 -28.18 12.44
C SER A 338 2.84 -28.88 12.11
N HIS A 339 2.94 -30.15 11.75
CA HIS A 339 1.76 -31.00 11.52
C HIS A 339 2.04 -32.40 12.05
N SER A 340 0.98 -33.11 12.38
CA SER A 340 1.10 -34.41 13.03
C SER A 340 1.50 -35.51 12.04
N GLY A 341 0.71 -35.70 11.00
CA GLY A 341 0.90 -36.79 10.07
C GLY A 341 1.74 -36.42 8.87
N ARG A 342 1.42 -37.02 7.74
CA ARG A 342 2.02 -36.66 6.47
C ARG A 342 1.23 -35.54 5.81
N ARG A 343 1.94 -34.62 5.15
CA ARG A 343 1.33 -33.52 4.43
C ARG A 343 1.75 -33.60 2.96
N ILE A 344 0.77 -33.45 2.07
CA ILE A 344 1.02 -33.43 0.64
C ILE A 344 0.77 -32.01 0.15
N VAL A 345 1.82 -31.37 -0.36
CA VAL A 345 1.76 -29.97 -0.78
C VAL A 345 1.75 -29.93 -2.30
N LEU A 346 0.77 -29.23 -2.86
CA LEU A 346 0.65 -29.03 -4.29
C LEU A 346 0.94 -27.56 -4.61
N ALA A 347 1.88 -27.33 -5.52
CA ALA A 347 2.30 -25.97 -5.85
C ALA A 347 2.70 -25.91 -7.32
N THR A 348 2.72 -24.70 -7.86
CA THR A 348 3.28 -24.44 -9.17
C THR A 348 4.79 -24.31 -9.04
N ASN A 349 5.46 -23.86 -10.11
CA ASN A 349 6.90 -23.74 -10.05
C ASN A 349 7.38 -22.54 -9.22
N VAL A 350 6.48 -21.76 -8.63
CA VAL A 350 6.88 -20.79 -7.62
C VAL A 350 7.65 -21.51 -6.52
N ALA A 351 7.38 -22.81 -6.36
CA ALA A 351 8.04 -23.65 -5.38
C ALA A 351 9.30 -24.32 -5.91
N GLU A 352 9.70 -23.99 -7.14
CA GLU A 352 10.87 -24.60 -7.74
C GLU A 352 12.17 -24.03 -7.14
N THR A 353 12.34 -22.71 -7.19
CA THR A 353 13.52 -22.09 -6.61
C THR A 353 13.22 -20.93 -5.66
N SER A 354 12.11 -20.22 -5.88
CA SER A 354 11.88 -19.01 -5.10
C SER A 354 11.45 -19.33 -3.68
N LEU A 355 10.52 -20.27 -3.52
CA LEU A 355 9.95 -20.59 -2.21
C LEU A 355 10.67 -21.79 -1.60
N THR A 356 10.63 -21.86 -0.28
CA THR A 356 11.21 -22.95 0.50
C THR A 356 10.10 -23.58 1.32
N VAL A 357 9.42 -24.56 0.75
CA VAL A 357 8.39 -25.30 1.48
C VAL A 357 9.12 -26.27 2.41
N PRO A 358 8.89 -26.21 3.71
CA PRO A 358 9.72 -26.98 4.64
C PRO A 358 9.29 -28.44 4.72
N GLY A 359 10.23 -29.26 5.19
CA GLY A 359 9.92 -30.64 5.53
C GLY A 359 9.72 -31.57 4.37
N ILE A 360 10.02 -31.16 3.14
CA ILE A 360 9.77 -31.98 1.96
C ILE A 360 10.87 -33.03 1.85
N LYS A 361 10.49 -34.30 1.88
CA LYS A 361 11.41 -35.39 1.60
C LYS A 361 11.21 -36.00 0.21
N TYR A 362 10.03 -35.87 -0.37
CA TYR A 362 9.71 -36.48 -1.65
C TYR A 362 9.08 -35.47 -2.58
N VAL A 363 9.32 -35.64 -3.88
CA VAL A 363 8.77 -34.77 -4.91
C VAL A 363 8.14 -35.62 -6.00
N ILE A 364 6.98 -35.19 -6.49
CA ILE A 364 6.34 -35.76 -7.66
C ILE A 364 6.28 -34.67 -8.73
N ASP A 365 6.83 -34.95 -9.91
CA ASP A 365 7.02 -33.94 -10.94
C ASP A 365 6.39 -34.35 -12.27
N PRO A 366 5.22 -33.82 -12.61
CA PRO A 366 4.66 -34.06 -13.96
C PRO A 366 5.56 -33.55 -15.09
N GLY A 367 6.42 -32.56 -14.83
CA GLY A 367 7.37 -32.11 -15.82
C GLY A 367 6.93 -31.01 -16.76
N THR A 368 5.87 -30.26 -16.42
CA THR A 368 5.34 -29.24 -17.31
C THR A 368 5.20 -27.91 -16.59
N ALA A 369 5.19 -26.83 -17.36
CA ALA A 369 4.93 -25.50 -16.81
C ALA A 369 4.45 -24.59 -17.93
N ARG A 370 3.74 -23.54 -17.54
CA ARG A 370 3.39 -22.49 -18.48
C ARG A 370 4.62 -21.66 -18.80
N ILE A 371 4.86 -21.40 -20.08
CA ILE A 371 6.00 -20.60 -20.51
C ILE A 371 5.57 -19.75 -21.69
N SER A 372 6.02 -18.48 -21.69
CA SER A 372 5.72 -17.57 -22.79
C SER A 372 6.64 -17.88 -23.96
N ARG A 373 6.04 -18.19 -25.11
CA ARG A 373 6.82 -18.54 -26.30
C ARG A 373 6.10 -18.03 -27.53
N TYR A 374 6.81 -17.26 -28.35
CA TYR A 374 6.23 -16.70 -29.56
C TYR A 374 6.10 -17.78 -30.63
N SER A 375 4.87 -17.99 -31.11
CA SER A 375 4.61 -18.97 -32.16
C SER A 375 4.68 -18.31 -33.52
N TYR A 376 5.50 -18.87 -34.41
CA TYR A 376 5.61 -18.31 -35.75
C TYR A 376 4.43 -18.70 -36.64
N ARG A 377 3.86 -19.88 -36.42
CA ARG A 377 2.69 -20.28 -37.20
C ARG A 377 1.56 -19.27 -37.06
N THR A 378 1.19 -18.95 -35.81
CA THR A 378 0.05 -18.09 -35.54
C THR A 378 0.42 -16.63 -35.38
N LYS A 379 1.71 -16.30 -35.36
CA LYS A 379 2.16 -14.92 -35.17
C LYS A 379 1.58 -14.33 -33.89
N VAL A 380 1.64 -15.10 -32.81
CA VAL A 380 1.06 -14.71 -31.52
C VAL A 380 2.00 -15.16 -30.41
N GLN A 381 2.11 -14.33 -29.36
CA GLN A 381 2.88 -14.70 -28.17
C GLN A 381 2.01 -15.59 -27.31
N ARG A 382 2.26 -16.89 -27.35
CA ARG A 382 1.42 -17.85 -26.66
C ARG A 382 1.97 -18.17 -25.28
N LEU A 383 1.15 -18.82 -24.47
CA LEU A 383 1.51 -19.20 -23.10
C LEU A 383 1.20 -20.68 -22.92
N PRO A 384 1.84 -21.54 -23.69
CA PRO A 384 1.50 -22.96 -23.66
C PRO A 384 2.08 -23.65 -22.44
N ILE A 385 1.43 -24.75 -22.07
CA ILE A 385 2.03 -25.73 -21.17
C ILE A 385 2.99 -26.56 -22.01
N GLU A 386 4.25 -26.62 -21.62
CA GLU A 386 5.20 -27.45 -22.34
C GLU A 386 6.19 -28.09 -21.38
N PRO A 387 6.85 -29.17 -21.81
CA PRO A 387 7.79 -29.86 -20.92
C PRO A 387 8.91 -28.92 -20.49
N ILE A 388 9.24 -28.98 -19.20
CA ILE A 388 10.27 -28.12 -18.63
C ILE A 388 11.65 -28.59 -19.09
N SER A 389 12.65 -27.76 -18.92
CA SER A 389 14.00 -28.07 -19.29
C SER A 389 14.62 -29.06 -18.30
N GLN A 390 15.77 -29.63 -18.69
CA GLN A 390 16.50 -30.48 -17.75
C GLN A 390 16.91 -29.70 -16.51
N ALA A 391 17.32 -28.44 -16.68
CA ALA A 391 17.71 -27.64 -15.52
C ALA A 391 16.54 -27.44 -14.57
N SER A 392 15.34 -27.20 -15.10
CA SER A 392 14.17 -27.01 -14.25
C SER A 392 13.78 -28.29 -13.52
N ALA A 393 13.76 -29.42 -14.24
CA ALA A 393 13.38 -30.68 -13.60
C ALA A 393 14.35 -31.05 -12.49
N ASN A 394 15.64 -30.71 -12.65
CA ASN A 394 16.59 -30.95 -11.57
C ASN A 394 16.35 -29.99 -10.41
N GLN A 395 15.98 -28.74 -10.69
CA GLN A 395 15.61 -27.84 -9.62
C GLN A 395 14.42 -28.38 -8.84
N ARG A 396 13.40 -28.88 -9.53
CA ARG A 396 12.28 -29.51 -8.84
C ARG A 396 12.76 -30.72 -8.04
N LYS A 397 13.65 -31.52 -8.63
CA LYS A 397 14.21 -32.66 -7.91
C LYS A 397 14.97 -32.21 -6.67
N GLY A 398 15.72 -31.11 -6.79
CA GLY A 398 16.50 -30.61 -5.68
C GLY A 398 15.67 -30.27 -4.46
N ARG A 399 14.38 -29.97 -4.63
CA ARG A 399 13.61 -29.50 -3.49
C ARG A 399 13.32 -30.59 -2.46
N CYS A 400 13.66 -31.85 -2.73
CA CYS A 400 13.59 -32.89 -1.72
C CYS A 400 14.97 -33.43 -1.35
N GLY A 401 15.98 -32.58 -1.44
CA GLY A 401 17.34 -32.95 -1.08
C GLY A 401 17.87 -32.16 0.09
N ARG A 402 17.00 -31.85 1.04
CA ARG A 402 17.44 -31.14 2.24
C ARG A 402 18.25 -32.06 3.14
N VAL A 403 17.85 -33.33 3.23
CA VAL A 403 18.58 -34.36 3.93
C VAL A 403 18.74 -35.54 2.97
N SER A 404 19.37 -36.61 3.46
CA SER A 404 19.61 -37.76 2.63
C SER A 404 18.31 -38.53 2.36
N GLU A 405 18.37 -39.43 1.38
CA GLU A 405 17.29 -40.36 1.08
C GLU A 405 16.05 -39.64 0.53
N GLY A 406 16.24 -38.54 -0.18
CA GLY A 406 15.15 -37.95 -0.92
C GLY A 406 14.83 -38.75 -2.16
N ILE A 407 13.56 -38.69 -2.57
CA ILE A 407 13.10 -39.42 -3.74
C ILE A 407 12.21 -38.50 -4.56
N CYS A 408 12.61 -38.23 -5.79
CA CYS A 408 11.83 -37.47 -6.75
C CYS A 408 11.29 -38.44 -7.79
N ILE A 409 9.97 -38.50 -7.93
CA ILE A 409 9.32 -39.35 -8.92
C ILE A 409 8.93 -38.49 -10.11
N ARG A 410 9.48 -38.81 -11.28
CA ARG A 410 9.22 -38.07 -12.50
C ARG A 410 8.19 -38.85 -13.32
N LEU A 411 7.07 -38.20 -13.62
CA LEU A 411 5.99 -38.88 -14.34
C LEU A 411 6.27 -38.87 -15.84
N TYR A 412 7.46 -39.32 -16.22
CA TYR A 412 7.88 -39.47 -17.60
C TYR A 412 9.13 -40.33 -17.58
N SER A 413 9.55 -40.79 -18.76
CA SER A 413 10.65 -41.72 -18.84
C SER A 413 11.99 -40.98 -18.88
N GLU A 414 13.07 -41.73 -18.69
CA GLU A 414 14.40 -41.12 -18.74
C GLU A 414 14.70 -40.56 -20.13
N ASP A 415 14.31 -41.27 -21.19
CA ASP A 415 14.48 -40.75 -22.53
C ASP A 415 13.75 -39.42 -22.67
N ASP A 416 12.51 -39.36 -22.20
CA ASP A 416 11.76 -38.11 -22.19
C ASP A 416 12.54 -37.01 -21.49
N PHE A 417 13.15 -37.33 -20.35
CA PHE A 417 13.94 -36.34 -19.62
C PHE A 417 15.15 -35.89 -20.44
N LEU A 418 15.84 -36.83 -21.08
CA LEU A 418 17.05 -36.49 -21.82
C LEU A 418 16.74 -35.74 -23.11
N SER A 419 15.58 -36.00 -23.71
CA SER A 419 15.16 -35.27 -24.90
C SER A 419 14.96 -33.79 -24.61
N ARG A 420 14.70 -33.41 -23.37
CA ARG A 420 14.49 -32.01 -23.07
C ARG A 420 15.78 -31.22 -23.23
N PRO A 421 15.67 -29.93 -23.57
CA PRO A 421 16.88 -29.09 -23.63
C PRO A 421 17.55 -28.96 -22.28
N GLU A 422 18.86 -28.71 -22.33
CA GLU A 422 19.65 -28.63 -21.10
C GLU A 422 19.18 -27.48 -20.22
N PHE A 423 18.87 -26.33 -20.83
CA PHE A 423 18.37 -25.18 -20.09
C PHE A 423 17.10 -24.65 -20.74
N THR A 424 16.30 -23.95 -19.93
CA THR A 424 15.20 -23.18 -20.47
C THR A 424 15.73 -22.03 -21.32
N ASP A 425 15.07 -21.76 -22.43
CA ASP A 425 15.38 -20.56 -23.20
C ASP A 425 15.14 -19.33 -22.34
N PRO A 426 16.06 -18.37 -22.29
CA PRO A 426 15.75 -17.09 -21.65
C PRO A 426 14.67 -16.36 -22.43
N GLU A 427 13.82 -15.64 -21.70
CA GLU A 427 12.65 -15.01 -22.31
C GLU A 427 13.04 -14.14 -23.51
N ILE A 428 14.19 -13.47 -23.43
CA ILE A 428 14.60 -12.58 -24.53
C ILE A 428 14.68 -13.34 -25.85
N LEU A 429 14.92 -14.65 -25.81
CA LEU A 429 15.05 -15.45 -27.02
C LEU A 429 13.76 -16.13 -27.43
N ARG A 430 12.66 -15.94 -26.69
CA ARG A 430 11.38 -16.52 -27.05
C ARG A 430 10.24 -15.51 -26.98
N THR A 431 10.55 -14.22 -27.11
CA THR A 431 9.55 -13.16 -27.11
C THR A 431 9.61 -12.37 -28.42
N ASN A 432 8.45 -12.10 -29.00
CA ASN A 432 8.42 -11.34 -30.23
C ASN A 432 9.08 -9.99 -30.03
N LEU A 433 9.88 -9.58 -31.02
CA LEU A 433 10.69 -8.36 -30.87
C LEU A 433 9.83 -7.13 -30.69
N ALA A 434 8.59 -7.13 -31.21
CA ALA A 434 7.73 -5.97 -31.02
C ALA A 434 7.46 -5.72 -29.54
N SER A 435 7.20 -6.79 -28.77
CA SER A 435 7.04 -6.63 -27.32
C SER A 435 8.33 -6.15 -26.67
N VAL A 436 9.47 -6.72 -27.06
CA VAL A 436 10.73 -6.33 -26.44
C VAL A 436 11.03 -4.86 -26.72
N ILE A 437 10.93 -4.46 -27.99
CA ILE A 437 11.21 -3.07 -28.36
C ILE A 437 10.24 -2.12 -27.65
N LEU A 438 8.95 -2.49 -27.64
CA LEU A 438 7.97 -1.68 -26.93
C LEU A 438 8.39 -1.47 -25.47
N GLN A 439 8.74 -2.56 -24.80
CA GLN A 439 9.06 -2.49 -23.37
C GLN A 439 10.33 -1.68 -23.12
N MET A 440 11.35 -1.85 -23.96
CA MET A 440 12.57 -1.05 -23.81
C MET A 440 12.27 0.42 -24.03
N THR A 441 11.44 0.73 -25.03
CA THR A 441 11.13 2.13 -25.32
C THR A 441 10.33 2.75 -24.18
N ALA A 442 9.44 1.99 -23.56
CA ALA A 442 8.68 2.52 -22.42
C ALA A 442 9.60 2.80 -21.23
N LEU A 443 10.71 2.07 -21.11
CA LEU A 443 11.62 2.25 -20.00
C LEU A 443 12.79 3.16 -20.31
N GLY A 444 12.94 3.59 -21.57
CA GLY A 444 14.08 4.39 -21.97
C GLY A 444 15.40 3.65 -22.04
N LEU A 445 15.38 2.35 -22.33
CA LEU A 445 16.61 1.56 -22.31
C LEU A 445 17.46 1.71 -23.56
N GLY A 446 17.04 2.53 -24.52
CA GLY A 446 17.86 2.80 -25.68
C GLY A 446 17.67 1.79 -26.81
N ASP A 447 18.49 1.96 -27.84
CA ASP A 447 18.36 1.13 -29.02
C ASP A 447 18.64 -0.33 -28.69
N ILE A 448 17.84 -1.22 -29.28
CA ILE A 448 17.97 -2.65 -29.00
C ILE A 448 19.26 -3.22 -29.56
N ALA A 449 19.83 -2.58 -30.57
CA ALA A 449 21.06 -3.10 -31.18
C ALA A 449 22.31 -2.73 -30.41
N ALA A 450 22.23 -1.77 -29.49
CA ALA A 450 23.36 -1.40 -28.65
C ALA A 450 23.17 -1.78 -27.19
N PHE A 451 22.09 -2.47 -26.85
CA PHE A 451 21.88 -2.85 -25.46
C PHE A 451 22.77 -4.04 -25.10
N PRO A 452 23.40 -4.02 -23.93
CA PRO A 452 24.29 -5.13 -23.54
C PRO A 452 23.53 -6.34 -22.99
N PHE A 453 22.80 -7.01 -23.88
CA PHE A 453 22.09 -8.22 -23.49
C PHE A 453 23.07 -9.29 -23.01
N VAL A 454 22.65 -10.08 -22.02
CA VAL A 454 23.36 -11.31 -21.71
C VAL A 454 23.29 -12.25 -22.91
N GLU A 455 22.17 -12.24 -23.61
CA GLU A 455 21.99 -12.98 -24.85
C GLU A 455 21.08 -12.13 -25.74
N ALA A 456 21.64 -11.63 -26.84
CA ALA A 456 20.87 -10.77 -27.72
C ALA A 456 19.82 -11.57 -28.49
N PRO A 457 18.66 -10.98 -28.76
CA PRO A 457 17.70 -11.62 -29.67
C PRO A 457 18.20 -11.58 -31.10
N ASP A 458 17.61 -12.43 -31.94
CA ASP A 458 17.97 -12.49 -33.35
C ASP A 458 17.63 -11.17 -34.04
N LYS A 459 18.65 -10.45 -34.49
CA LYS A 459 18.43 -9.11 -35.04
C LYS A 459 17.70 -9.11 -36.37
N ARG A 460 17.42 -10.28 -36.96
CA ARG A 460 16.64 -10.31 -38.19
C ARG A 460 15.17 -9.96 -37.95
N ASN A 461 14.71 -9.97 -36.71
CA ASN A 461 13.33 -9.67 -36.37
C ASN A 461 13.11 -8.22 -35.95
N ILE A 462 14.18 -7.43 -35.84
CA ILE A 462 14.06 -6.10 -35.23
C ILE A 462 13.20 -5.18 -36.09
N GLN A 463 13.49 -5.12 -37.38
CA GLN A 463 12.72 -4.22 -38.24
C GLN A 463 11.27 -4.65 -38.36
N ASP A 464 11.02 -5.96 -38.28
CA ASP A 464 9.64 -6.43 -38.27
C ASP A 464 8.90 -5.94 -37.03
N GLY A 465 9.55 -5.98 -35.87
CA GLY A 465 8.92 -5.48 -34.66
C GLY A 465 8.62 -4.00 -34.72
N VAL A 466 9.56 -3.21 -35.27
CA VAL A 466 9.32 -1.78 -35.43
C VAL A 466 8.12 -1.53 -36.33
N ARG A 467 8.01 -2.30 -37.41
CA ARG A 467 6.88 -2.13 -38.32
C ARG A 467 5.56 -2.32 -37.60
N LEU A 468 5.41 -3.41 -36.86
CA LEU A 468 4.17 -3.68 -36.16
C LEU A 468 3.86 -2.58 -35.15
N LEU A 469 4.88 -2.06 -34.48
CA LEU A 469 4.67 -1.03 -33.48
C LEU A 469 4.35 0.32 -34.12
N GLU A 470 4.88 0.57 -35.31
CA GLU A 470 4.44 1.75 -36.05
C GLU A 470 3.02 1.58 -36.55
N GLU A 471 2.71 0.41 -37.12
CA GLU A 471 1.36 0.16 -37.63
C GLU A 471 0.31 0.27 -36.54
N LEU A 472 0.59 -0.30 -35.37
CA LEU A 472 -0.36 -0.23 -34.26
C LEU A 472 -0.46 1.16 -33.66
N GLY A 473 0.46 2.06 -34.00
CA GLY A 473 0.47 3.38 -33.41
C GLY A 473 1.09 3.43 -32.04
N ALA A 474 2.14 2.64 -31.80
CA ALA A 474 2.81 2.61 -30.51
C ALA A 474 4.05 3.49 -30.46
N ILE A 475 4.72 3.70 -31.59
CA ILE A 475 5.98 4.44 -31.63
C ILE A 475 5.96 5.41 -32.81
N THR A 476 6.92 6.33 -32.80
CA THR A 476 7.12 7.28 -33.90
C THR A 476 8.58 7.69 -33.90
N THR A 477 9.18 7.69 -35.09
CA THR A 477 10.55 8.16 -35.25
C THR A 477 10.56 9.66 -35.52
N ASP A 478 11.67 10.29 -35.17
CA ASP A 478 11.74 11.75 -35.10
C ASP A 478 13.15 12.20 -35.45
N GLU A 479 13.52 13.42 -35.06
CA GLU A 479 14.14 14.41 -35.93
C GLU A 479 15.13 13.81 -36.94
N GLN A 480 16.09 13.02 -36.49
CA GLN A 480 17.05 12.41 -37.43
C GLN A 480 17.00 10.90 -37.37
N ALA A 481 15.82 10.33 -37.09
CA ALA A 481 15.62 8.89 -37.08
C ALA A 481 16.66 8.19 -36.21
N SER A 482 17.01 8.82 -35.09
CA SER A 482 18.04 8.32 -34.21
C SER A 482 17.51 7.65 -32.96
N ALA A 483 16.30 8.03 -32.51
CA ALA A 483 15.70 7.42 -31.34
C ALA A 483 14.20 7.24 -31.56
N TYR A 484 13.68 6.07 -31.20
CA TYR A 484 12.26 5.81 -31.25
C TYR A 484 11.59 6.39 -30.00
N LYS A 485 10.39 6.92 -30.19
CA LYS A 485 9.67 7.61 -29.12
C LYS A 485 8.26 7.05 -29.00
N LEU A 486 7.80 6.91 -27.76
CA LEU A 486 6.53 6.26 -27.48
C LEU A 486 5.37 7.23 -27.64
N THR A 487 4.24 6.70 -28.06
CA THR A 487 2.99 7.44 -28.13
C THR A 487 2.11 7.09 -26.94
N PRO A 488 1.05 7.86 -26.70
CA PRO A 488 0.15 7.52 -25.58
C PRO A 488 -0.44 6.13 -25.71
N LEU A 489 -0.82 5.73 -26.92
CA LEU A 489 -1.37 4.39 -27.13
C LEU A 489 -0.33 3.33 -26.78
N GLY A 490 0.91 3.52 -27.27
CA GLY A 490 1.96 2.55 -27.00
C GLY A 490 2.26 2.40 -25.53
N ARG A 491 2.16 3.48 -24.76
CA ARG A 491 2.30 3.37 -23.32
C ARG A 491 1.20 2.48 -22.73
N GLN A 492 -0.03 2.64 -23.22
CA GLN A 492 -1.11 1.76 -22.79
C GLN A 492 -0.85 0.33 -23.25
N LEU A 493 -0.18 0.16 -24.38
CA LEU A 493 0.21 -1.19 -24.81
C LEU A 493 1.34 -1.75 -23.96
N SER A 494 2.23 -0.88 -23.46
CA SER A 494 3.35 -1.34 -22.65
C SER A 494 2.88 -2.05 -21.40
N GLN A 495 1.70 -1.71 -20.89
CA GLN A 495 1.22 -2.21 -19.62
C GLN A 495 0.43 -3.51 -19.75
N LEU A 496 0.19 -3.99 -20.97
CA LEU A 496 -0.59 -5.20 -21.17
C LEU A 496 0.34 -6.37 -21.45
N PRO A 497 0.43 -7.36 -20.55
CA PRO A 497 1.35 -8.49 -20.75
C PRO A 497 0.79 -9.52 -21.71
N VAL A 498 0.49 -9.10 -22.93
CA VAL A 498 -0.01 -9.99 -23.97
C VAL A 498 0.63 -9.60 -25.30
N ASP A 499 0.26 -10.33 -26.34
CA ASP A 499 0.75 -10.03 -27.66
C ASP A 499 0.38 -8.61 -28.04
N PRO A 500 1.27 -7.87 -28.71
CA PRO A 500 0.96 -6.46 -29.02
C PRO A 500 -0.30 -6.28 -29.85
N ARG A 501 -0.52 -7.14 -30.85
CA ARG A 501 -1.75 -7.04 -31.63
C ARG A 501 -2.97 -7.36 -30.77
N LEU A 502 -2.88 -8.40 -29.95
CA LEU A 502 -3.97 -8.69 -29.02
C LEU A 502 -4.19 -7.55 -28.04
N ALA A 503 -3.11 -6.91 -27.58
CA ALA A 503 -3.22 -5.81 -26.63
C ALA A 503 -4.03 -4.66 -27.22
N ARG A 504 -3.72 -4.27 -28.47
CA ARG A 504 -4.49 -3.22 -29.13
C ARG A 504 -5.97 -3.57 -29.14
N MET A 505 -6.30 -4.83 -29.41
CA MET A 505 -7.69 -5.25 -29.40
C MET A 505 -8.32 -5.07 -28.03
N VAL A 506 -7.61 -5.45 -26.97
CA VAL A 506 -8.15 -5.29 -25.62
C VAL A 506 -8.51 -3.82 -25.37
N LEU A 507 -7.57 -2.91 -25.67
CA LEU A 507 -7.85 -1.50 -25.47
C LEU A 507 -9.03 -1.04 -26.32
N GLU A 508 -9.09 -1.49 -27.57
CA GLU A 508 -10.21 -1.13 -28.43
C GLU A 508 -11.52 -1.70 -27.91
N ALA A 509 -11.49 -2.88 -27.29
CA ALA A 509 -12.71 -3.43 -26.69
C ALA A 509 -13.22 -2.53 -25.56
N GLN A 510 -12.32 -1.81 -24.90
CA GLN A 510 -12.72 -0.90 -23.83
C GLN A 510 -13.66 0.18 -24.35
N LYS A 511 -13.47 0.62 -25.59
CA LYS A 511 -14.37 1.62 -26.18
C LYS A 511 -15.79 1.11 -26.27
N HIS A 512 -15.98 -0.20 -26.41
CA HIS A 512 -17.29 -0.77 -26.73
C HIS A 512 -17.83 -1.70 -25.66
N GLY A 513 -17.22 -1.73 -24.47
CA GLY A 513 -17.75 -2.54 -23.38
C GLY A 513 -17.76 -4.02 -23.67
N CYS A 514 -16.70 -4.54 -24.30
CA CYS A 514 -16.58 -5.97 -24.54
C CYS A 514 -15.16 -6.46 -24.22
N VAL A 515 -14.52 -5.88 -23.20
CA VAL A 515 -13.21 -6.35 -22.78
C VAL A 515 -13.29 -7.79 -22.32
N ARG A 516 -14.44 -8.21 -21.79
CA ARG A 516 -14.65 -9.60 -21.46
C ARG A 516 -14.46 -10.50 -22.69
N GLU A 517 -15.07 -10.10 -23.81
CA GLU A 517 -14.93 -10.88 -25.04
C GLU A 517 -13.51 -10.82 -25.59
N ALA A 518 -12.86 -9.65 -25.51
CA ALA A 518 -11.48 -9.55 -25.96
C ALA A 518 -10.56 -10.46 -25.15
N MET A 519 -10.80 -10.56 -23.84
CA MET A 519 -10.03 -11.50 -23.03
C MET A 519 -10.38 -12.94 -23.36
N ILE A 520 -11.63 -13.19 -23.76
CA ILE A 520 -12.02 -14.55 -24.15
C ILE A 520 -11.24 -14.99 -25.39
N ILE A 521 -11.16 -14.10 -26.37
CA ILE A 521 -10.39 -14.39 -27.58
C ILE A 521 -8.90 -14.48 -27.26
N THR A 522 -8.39 -13.52 -26.49
CA THR A 522 -6.96 -13.46 -26.22
C THR A 522 -6.47 -14.74 -25.53
N SER A 523 -7.16 -15.16 -24.47
CA SER A 523 -6.70 -16.35 -23.74
C SER A 523 -6.85 -17.60 -24.58
N ALA A 524 -7.84 -17.64 -25.48
CA ALA A 524 -8.01 -18.81 -26.33
C ALA A 524 -6.90 -18.93 -27.36
N LEU A 525 -6.40 -17.78 -27.86
CA LEU A 525 -5.32 -17.77 -28.83
C LEU A 525 -3.97 -18.10 -28.21
N SER A 526 -3.81 -17.84 -26.91
CA SER A 526 -2.56 -18.11 -26.20
C SER A 526 -2.42 -19.57 -25.78
N ILE A 527 -3.39 -20.41 -26.09
CA ILE A 527 -3.42 -21.82 -25.74
C ILE A 527 -3.88 -22.61 -26.96
N GLN A 528 -4.03 -23.92 -26.79
CA GLN A 528 -4.51 -24.79 -27.87
C GLN A 528 -5.98 -25.15 -27.62
N ASP A 529 -6.83 -24.87 -28.61
CA ASP A 529 -8.28 -24.99 -28.56
C ASP A 529 -8.76 -26.37 -28.11
N PRO A 530 -9.94 -26.46 -27.49
CA PRO A 530 -10.53 -27.77 -27.17
C PRO A 530 -11.21 -28.45 -28.35
N ARG A 531 -11.29 -27.78 -29.50
CA ARG A 531 -11.98 -28.34 -30.66
C ARG A 531 -10.99 -29.05 -31.59
N GLU A 552 -12.78 -13.37 -38.77
CA GLU A 552 -13.27 -12.97 -37.46
C GLU A 552 -14.45 -13.82 -37.03
N SER A 553 -15.08 -14.50 -38.00
CA SER A 553 -16.19 -15.39 -37.68
C SER A 553 -15.74 -16.54 -36.78
N ASP A 554 -14.46 -16.89 -36.83
CA ASP A 554 -13.94 -17.93 -35.96
C ASP A 554 -13.92 -17.48 -34.51
N PHE A 555 -13.62 -16.19 -34.28
CA PHE A 555 -13.56 -15.69 -32.91
C PHE A 555 -14.92 -15.78 -32.23
N LEU A 556 -16.00 -15.55 -32.98
CA LEU A 556 -17.33 -15.68 -32.40
C LEU A 556 -17.58 -17.08 -31.88
N ALA A 557 -16.99 -18.10 -32.53
CA ALA A 557 -17.09 -19.45 -32.00
C ALA A 557 -16.43 -19.55 -30.63
N PHE A 558 -15.30 -18.86 -30.45
CA PHE A 558 -14.67 -18.81 -29.14
C PHE A 558 -15.64 -18.26 -28.09
N VAL A 559 -16.29 -17.14 -28.40
CA VAL A 559 -17.16 -16.49 -27.44
C VAL A 559 -18.34 -17.39 -27.10
N ASN A 560 -18.98 -17.96 -28.11
CA ASN A 560 -20.19 -18.75 -27.86
C ASN A 560 -19.86 -20.03 -27.12
N LEU A 561 -18.77 -20.70 -27.48
CA LEU A 561 -18.31 -21.84 -26.69
C LEU A 561 -18.11 -21.41 -25.23
N TRP A 562 -17.42 -20.28 -25.03
CA TRP A 562 -17.20 -19.78 -23.68
C TRP A 562 -18.50 -19.58 -22.93
N ASN A 563 -19.43 -18.85 -23.53
CA ASN A 563 -20.69 -18.56 -22.85
C ASN A 563 -21.42 -19.84 -22.48
N TYR A 564 -21.52 -20.78 -23.42
CA TYR A 564 -22.20 -22.03 -23.16
C TYR A 564 -21.55 -22.77 -21.99
N LEU A 565 -20.22 -22.87 -22.02
CA LEU A 565 -19.53 -23.61 -20.97
C LEU A 565 -19.73 -22.95 -19.61
N GLY A 566 -19.72 -21.62 -19.55
CA GLY A 566 -19.95 -20.95 -18.29
C GLY A 566 -21.30 -21.28 -17.70
N GLU A 567 -22.36 -21.21 -18.53
CA GLU A 567 -23.70 -21.51 -18.06
C GLU A 567 -23.80 -22.94 -17.54
N GLN A 568 -23.34 -23.91 -18.34
CA GLN A 568 -23.42 -25.30 -17.93
C GLN A 568 -22.55 -25.60 -16.71
N GLN A 569 -21.50 -24.80 -16.50
CA GLN A 569 -20.66 -25.01 -15.32
C GLN A 569 -21.39 -24.61 -14.05
N LYS A 570 -22.17 -23.53 -14.10
CA LYS A 570 -22.97 -23.14 -12.95
C LYS A 570 -24.21 -24.01 -12.78
N ALA A 571 -24.66 -24.68 -13.84
CA ALA A 571 -25.88 -25.48 -13.75
C ALA A 571 -25.66 -26.76 -12.95
N LEU A 572 -24.63 -27.54 -13.30
CA LEU A 572 -24.41 -28.81 -12.64
C LEU A 572 -23.11 -28.82 -11.85
N SER A 573 -22.99 -29.81 -10.96
CA SER A 573 -21.89 -29.88 -10.02
C SER A 573 -20.55 -29.98 -10.75
N SER A 574 -19.47 -29.79 -9.98
CA SER A 574 -18.13 -29.92 -10.54
C SER A 574 -17.92 -31.31 -11.11
N ASN A 575 -18.39 -32.33 -10.41
CA ASN A 575 -18.32 -33.69 -10.93
C ASN A 575 -19.20 -33.85 -12.16
N ALA A 576 -20.44 -33.37 -12.09
CA ALA A 576 -21.36 -33.50 -13.21
C ALA A 576 -20.88 -32.72 -14.43
N PHE A 577 -20.13 -31.64 -14.23
CA PHE A 577 -19.65 -30.86 -15.36
C PHE A 577 -18.59 -31.60 -16.16
N ARG A 578 -17.73 -32.38 -15.47
CA ARG A 578 -16.76 -33.18 -16.20
C ARG A 578 -17.46 -34.22 -17.07
N ARG A 579 -18.61 -34.73 -16.63
CA ARG A 579 -19.38 -35.66 -17.46
C ARG A 579 -19.94 -34.97 -18.68
N LEU A 580 -20.15 -33.66 -18.62
CA LEU A 580 -20.70 -32.94 -19.76
C LEU A 580 -19.67 -32.71 -20.86
N CYS A 581 -18.42 -32.39 -20.48
CA CYS A 581 -17.39 -32.19 -21.49
C CYS A 581 -17.14 -33.47 -22.27
N ARG A 582 -17.07 -34.61 -21.59
CA ARG A 582 -16.78 -35.87 -22.26
C ARG A 582 -17.96 -36.37 -23.07
N THR A 583 -19.18 -35.98 -22.73
CA THR A 583 -20.32 -36.20 -23.63
C THR A 583 -20.45 -35.04 -24.61
N ASP A 584 -19.34 -34.76 -25.30
CA ASP A 584 -19.24 -33.67 -26.24
C ASP A 584 -17.86 -33.72 -26.87
N TYR A 585 -17.71 -33.05 -28.01
CA TYR A 585 -16.41 -33.02 -28.67
C TYR A 585 -15.53 -31.97 -28.02
N LEU A 586 -15.36 -32.05 -26.70
CA LEU A 586 -14.64 -31.04 -25.93
C LEU A 586 -13.72 -31.69 -24.91
N ASN A 587 -12.51 -31.16 -24.79
CA ASN A 587 -11.51 -31.66 -23.86
C ASN A 587 -11.57 -30.83 -22.58
N TYR A 588 -11.78 -31.49 -21.44
CA TYR A 588 -11.90 -30.78 -20.17
C TYR A 588 -10.58 -30.12 -19.78
N LEU A 589 -9.45 -30.70 -20.18
CA LEU A 589 -8.15 -30.12 -19.81
C LEU A 589 -7.93 -28.79 -20.51
N ARG A 590 -8.18 -28.73 -21.82
CA ARG A 590 -8.02 -27.48 -22.55
C ARG A 590 -9.04 -26.45 -22.08
N VAL A 591 -10.27 -26.87 -21.79
CA VAL A 591 -11.26 -25.97 -21.22
C VAL A 591 -10.69 -25.35 -19.95
N ARG A 592 -10.14 -26.17 -19.06
CA ARG A 592 -9.64 -25.68 -17.79
C ARG A 592 -8.48 -24.70 -17.98
N GLU A 593 -7.55 -25.01 -18.89
CA GLU A 593 -6.44 -24.10 -19.11
C GLU A 593 -6.94 -22.79 -19.72
N TRP A 594 -7.99 -22.84 -20.53
CA TRP A 594 -8.60 -21.63 -21.06
C TRP A 594 -9.14 -20.77 -19.93
N GLN A 595 -9.91 -21.37 -19.02
CA GLN A 595 -10.44 -20.62 -17.88
C GLN A 595 -9.31 -20.08 -17.00
N ASP A 596 -8.24 -20.88 -16.85
CA ASP A 596 -7.11 -20.44 -16.03
C ASP A 596 -6.44 -19.21 -16.64
N ILE A 597 -6.09 -19.28 -17.92
CA ILE A 597 -5.43 -18.15 -18.58
C ILE A 597 -6.32 -16.91 -18.50
N TYR A 598 -7.60 -17.07 -18.82
CA TYR A 598 -8.54 -15.95 -18.78
C TYR A 598 -8.52 -15.28 -17.41
N THR A 599 -8.63 -16.07 -16.35
CA THR A 599 -8.66 -15.52 -15.00
C THR A 599 -7.43 -14.67 -14.70
N GLN A 600 -6.24 -15.21 -15.00
CA GLN A 600 -5.03 -14.43 -14.78
C GLN A 600 -5.00 -13.19 -15.66
N LEU A 601 -5.56 -13.28 -16.86
CA LEU A 601 -5.67 -12.10 -17.72
C LEU A 601 -6.60 -11.06 -17.11
N ARG A 602 -7.76 -11.52 -16.60
CA ARG A 602 -8.70 -10.59 -15.99
C ARG A 602 -8.10 -9.89 -14.78
N GLN A 603 -7.25 -10.59 -14.02
CA GLN A 603 -6.59 -9.95 -12.89
C GLN A 603 -5.68 -8.82 -13.34
N VAL A 604 -4.88 -9.07 -14.38
CA VAL A 604 -4.00 -8.04 -14.92
C VAL A 604 -4.81 -6.84 -15.41
N VAL A 605 -5.90 -7.10 -16.14
CA VAL A 605 -6.70 -6.01 -16.69
C VAL A 605 -7.29 -5.17 -15.57
N LYS A 606 -7.77 -5.82 -14.50
CA LYS A 606 -8.35 -5.07 -13.39
C LYS A 606 -7.31 -4.18 -12.73
N GLU A 607 -6.09 -4.68 -12.53
CA GLU A 607 -5.06 -3.88 -11.88
C GLU A 607 -4.67 -2.65 -12.69
N LEU A 608 -4.92 -2.67 -13.99
CA LEU A 608 -4.71 -1.50 -14.83
C LEU A 608 -5.93 -0.59 -14.89
N GLY A 609 -6.97 -0.89 -14.13
CA GLY A 609 -8.16 -0.06 -14.13
C GLY A 609 -8.95 -0.08 -15.43
N ILE A 610 -8.90 -1.19 -16.16
CA ILE A 610 -9.67 -1.34 -17.40
C ILE A 610 -11.00 -2.00 -17.06
N PRO A 611 -12.14 -1.39 -17.38
CA PRO A 611 -13.42 -2.00 -17.02
C PRO A 611 -13.72 -3.23 -17.86
N VAL A 612 -14.35 -4.21 -17.22
CA VAL A 612 -14.76 -5.46 -17.86
C VAL A 612 -16.26 -5.63 -17.68
N ASN A 613 -16.96 -5.93 -18.77
CA ASN A 613 -18.41 -6.10 -18.69
C ASN A 613 -18.77 -7.38 -17.95
N SER A 614 -19.80 -7.30 -17.11
CA SER A 614 -20.25 -8.45 -16.36
C SER A 614 -21.06 -9.41 -17.24
N GLU A 615 -22.10 -8.89 -17.89
CA GLU A 615 -22.87 -9.72 -18.79
C GLU A 615 -22.19 -9.83 -20.14
N PRO A 616 -22.44 -10.91 -20.87
CA PRO A 616 -21.88 -11.05 -22.21
C PRO A 616 -22.25 -9.87 -23.10
N ALA A 617 -21.25 -9.33 -23.81
CA ALA A 617 -21.49 -8.25 -24.74
C ALA A 617 -22.49 -8.67 -25.81
N GLU A 618 -23.33 -7.74 -26.23
CA GLU A 618 -24.37 -8.08 -27.19
C GLU A 618 -23.75 -8.43 -28.55
N TYR A 619 -24.51 -9.17 -29.34
CA TYR A 619 -24.02 -9.72 -30.59
C TYR A 619 -23.52 -8.62 -31.52
N ARG A 620 -22.38 -8.89 -32.17
CA ARG A 620 -21.84 -8.03 -33.22
C ARG A 620 -21.45 -6.66 -32.68
N GLU A 621 -21.59 -6.47 -31.37
CA GLU A 621 -20.94 -5.34 -30.72
C GLU A 621 -19.42 -5.48 -30.78
N ILE A 622 -18.93 -6.70 -30.98
CA ILE A 622 -17.49 -6.93 -31.10
C ILE A 622 -16.99 -6.78 -32.53
N HIS A 623 -17.87 -6.89 -33.53
CA HIS A 623 -17.44 -6.78 -34.92
C HIS A 623 -16.58 -5.54 -35.13
N ILE A 624 -17.10 -4.38 -34.72
CA ILE A 624 -16.38 -3.12 -34.90
C ILE A 624 -15.10 -3.10 -34.08
N ALA A 625 -15.00 -3.93 -33.04
CA ALA A 625 -13.82 -3.98 -32.19
C ALA A 625 -12.74 -4.90 -32.73
N LEU A 626 -13.00 -5.65 -33.80
CA LEU A 626 -11.99 -6.51 -34.41
C LEU A 626 -11.51 -5.90 -35.73
N LEU B 7 -3.52 26.51 -39.59
CA LEU B 7 -4.19 26.71 -38.30
C LEU B 7 -3.78 28.04 -37.68
N THR B 8 -4.74 28.72 -37.05
CA THR B 8 -4.50 29.99 -36.40
C THR B 8 -4.29 29.80 -34.91
N PHE B 9 -3.92 30.90 -34.24
CA PHE B 9 -3.73 30.86 -32.80
C PHE B 9 -5.02 30.55 -32.05
N THR B 10 -6.18 30.85 -32.65
CA THR B 10 -7.45 30.63 -31.96
C THR B 10 -7.92 29.18 -32.09
N ALA B 11 -7.63 28.54 -33.23
CA ALA B 11 -8.05 27.15 -33.40
C ALA B 11 -7.26 26.20 -32.50
N LEU B 12 -6.00 26.53 -32.22
CA LEU B 12 -5.20 25.71 -31.31
C LEU B 12 -5.48 26.04 -29.85
N GLN B 13 -5.81 27.30 -29.55
CA GLN B 13 -6.09 27.67 -28.16
C GLN B 13 -7.41 27.06 -27.70
N GLN B 14 -8.42 27.05 -28.56
CA GLN B 14 -9.76 26.60 -28.18
C GLN B 14 -9.90 25.09 -28.15
N ARG B 15 -9.03 24.35 -28.83
CA ARG B 15 -9.06 22.90 -28.72
C ARG B 15 -8.43 22.40 -27.43
N LEU B 16 -7.66 23.25 -26.73
CA LEU B 16 -7.10 22.86 -25.45
C LEU B 16 -8.19 22.64 -24.41
N ASP B 17 -9.31 23.36 -24.52
CA ASP B 17 -10.41 23.20 -23.58
C ASP B 17 -11.00 21.79 -23.60
N SER B 18 -10.65 20.98 -24.59
CA SER B 18 -11.03 19.57 -24.60
C SER B 18 -10.03 18.71 -23.84
N LEU B 19 -8.77 19.13 -23.79
CA LEU B 19 -7.71 18.32 -23.21
C LEU B 19 -7.84 18.25 -21.69
N MET B 20 -7.00 17.41 -21.09
CA MET B 20 -6.94 17.34 -19.64
C MET B 20 -6.43 18.66 -19.08
N LEU B 21 -6.61 18.83 -17.76
CA LEU B 21 -6.12 20.05 -17.11
C LEU B 21 -4.61 20.15 -17.19
N ARG B 22 -3.91 19.08 -16.83
CA ARG B 22 -2.46 19.08 -16.95
C ARG B 22 -2.03 19.23 -18.41
N ASP B 23 -2.79 18.63 -19.33
CA ASP B 23 -2.47 18.70 -20.76
C ASP B 23 -2.91 20.02 -21.40
N ARG B 24 -3.55 20.91 -20.65
CA ARG B 24 -3.87 22.25 -21.14
C ARG B 24 -2.90 23.30 -20.64
N LEU B 25 -2.19 23.04 -19.54
CA LEU B 25 -1.20 23.98 -19.04
C LEU B 25 0.04 23.99 -19.93
N ARG B 26 0.54 22.81 -20.29
CA ARG B 26 1.75 22.70 -21.09
C ARG B 26 1.55 23.19 -22.52
N PHE B 27 0.31 23.49 -22.91
CA PHE B 27 -0.02 23.94 -24.26
C PHE B 27 -0.49 25.38 -24.31
N SER B 28 -1.40 25.78 -23.41
CA SER B 28 -1.97 27.12 -23.48
C SER B 28 -0.91 28.19 -23.25
N ARG B 29 -0.09 28.03 -22.21
CA ARG B 29 1.04 28.91 -22.03
C ARG B 29 2.24 28.49 -22.87
N ARG B 30 2.08 27.46 -23.68
CA ARG B 30 3.08 27.05 -24.66
C ARG B 30 2.96 27.84 -25.96
N LEU B 31 1.73 28.14 -26.36
CA LEU B 31 1.53 28.95 -27.56
C LEU B 31 2.11 30.36 -27.39
N HIS B 32 2.19 30.85 -26.15
CA HIS B 32 2.74 32.18 -25.93
C HIS B 32 4.21 32.23 -26.28
N GLY B 33 4.94 31.15 -26.05
CA GLY B 33 6.31 31.07 -26.54
C GLY B 33 6.41 31.09 -28.05
N VAL B 34 5.34 30.70 -28.75
CA VAL B 34 5.36 30.68 -30.20
C VAL B 34 5.20 32.08 -30.78
N LYS B 35 4.56 33.00 -30.05
CA LYS B 35 4.42 34.36 -30.53
C LYS B 35 5.60 35.24 -30.16
N LYS B 36 6.65 34.65 -29.58
CA LYS B 36 7.76 35.43 -29.01
C LYS B 36 8.94 35.58 -29.97
N VAL B 37 9.52 34.48 -30.45
CA VAL B 37 10.64 34.61 -31.38
C VAL B 37 10.12 35.30 -32.63
N LYS B 38 10.84 36.33 -33.07
CA LYS B 38 10.20 37.45 -33.75
C LYS B 38 10.02 37.26 -35.25
N ASN B 39 9.51 36.11 -35.70
CA ASN B 39 8.55 36.13 -36.82
C ASN B 39 7.99 34.77 -37.17
N PRO B 40 6.91 34.72 -38.00
CA PRO B 40 6.32 33.45 -38.43
C PRO B 40 7.08 32.80 -39.58
N ASP B 41 6.50 31.71 -40.11
CA ASP B 41 6.99 30.78 -41.12
C ASP B 41 8.02 29.81 -40.56
N ALA B 42 8.42 29.96 -39.30
CA ALA B 42 8.97 28.87 -38.52
C ALA B 42 8.06 28.49 -37.37
N GLN B 43 7.29 29.46 -36.88
CA GLN B 43 6.20 29.25 -35.93
C GLN B 43 4.85 29.20 -36.64
N GLN B 44 4.85 28.82 -37.92
CA GLN B 44 3.66 28.34 -38.61
C GLN B 44 3.75 26.87 -38.97
N ALA B 45 4.95 26.29 -38.93
CA ALA B 45 5.14 24.86 -39.05
C ALA B 45 5.22 24.19 -37.69
N ILE B 46 5.66 24.93 -36.67
CA ILE B 46 5.50 24.46 -35.29
C ILE B 46 4.03 24.45 -34.90
N PHE B 47 3.25 25.42 -35.41
CA PHE B 47 1.81 25.40 -35.20
C PHE B 47 1.18 24.14 -35.78
N GLN B 48 1.74 23.60 -36.85
CA GLN B 48 1.18 22.40 -37.47
C GLN B 48 1.64 21.13 -36.76
N GLU B 49 2.86 21.13 -36.20
CA GLU B 49 3.41 19.91 -35.61
C GLU B 49 3.07 19.75 -34.14
N MET B 50 2.81 20.85 -33.43
CA MET B 50 2.30 20.73 -32.06
C MET B 50 0.81 20.41 -32.02
N ALA B 51 0.12 20.53 -33.16
CA ALA B 51 -1.27 20.08 -33.24
C ALA B 51 -1.34 18.56 -33.27
N LYS B 52 -0.30 17.90 -33.76
CA LYS B 52 -0.24 16.44 -33.68
C LYS B 52 -0.22 15.98 -32.23
N GLU B 53 0.51 16.70 -31.38
CA GLU B 53 0.51 16.38 -29.96
C GLU B 53 -0.84 16.66 -29.33
N ILE B 54 -1.54 17.70 -29.80
CA ILE B 54 -2.86 18.02 -29.25
C ILE B 54 -3.87 16.95 -29.62
N ASP B 55 -3.71 16.30 -30.78
CA ASP B 55 -4.59 15.20 -31.13
C ASP B 55 -4.41 14.03 -30.17
N GLN B 56 -3.17 13.62 -29.94
CA GLN B 56 -2.91 12.48 -29.06
C GLN B 56 -3.34 12.79 -27.63
N ALA B 57 -3.29 14.06 -27.22
CA ALA B 57 -3.78 14.42 -25.90
C ALA B 57 -5.27 14.18 -25.79
N ALA B 58 -6.04 14.69 -26.76
CA ALA B 58 -7.49 14.51 -26.71
C ALA B 58 -7.87 13.03 -26.77
N GLY B 59 -6.98 12.17 -27.24
CA GLY B 59 -7.27 10.75 -27.25
C GLY B 59 -7.41 10.17 -25.86
N LYS B 60 -6.61 10.66 -24.91
CA LYS B 60 -6.72 10.17 -23.54
C LYS B 60 -7.98 10.68 -22.87
N VAL B 61 -8.48 11.84 -23.30
CA VAL B 61 -9.76 12.32 -22.80
C VAL B 61 -10.89 11.40 -23.25
N LEU B 62 -10.86 10.98 -24.51
CA LEU B 62 -11.89 10.08 -25.02
C LEU B 62 -11.76 8.70 -24.39
N LEU B 63 -10.52 8.24 -24.17
CA LEU B 63 -10.33 6.99 -23.44
C LEU B 63 -11.00 7.05 -22.07
N ARG B 64 -10.75 8.13 -21.33
CA ARG B 64 -11.37 8.29 -20.02
C ARG B 64 -12.88 8.36 -20.13
N GLU B 65 -13.39 9.08 -21.12
CA GLU B 65 -14.84 9.10 -21.34
C GLU B 65 -15.35 7.70 -21.66
N ALA B 66 -14.67 7.00 -22.56
CA ALA B 66 -15.09 5.66 -22.93
C ALA B 66 -15.10 4.71 -21.74
N ALA B 67 -14.34 5.03 -20.69
CA ALA B 67 -14.23 4.18 -19.51
C ALA B 67 -15.18 4.58 -18.39
N ARG B 68 -15.85 5.72 -18.49
CA ARG B 68 -16.76 6.14 -17.42
C ARG B 68 -17.93 5.16 -17.31
N PRO B 69 -18.23 4.66 -16.10
CA PRO B 69 -19.36 3.75 -15.95
C PRO B 69 -20.68 4.50 -16.03
N GLU B 70 -21.75 3.73 -16.21
CA GLU B 70 -23.09 4.27 -16.01
C GLU B 70 -23.27 4.60 -14.54
N ILE B 71 -23.83 5.76 -14.25
CA ILE B 71 -23.99 6.22 -12.89
C ILE B 71 -25.37 5.83 -12.39
N THR B 72 -25.42 5.16 -11.24
CA THR B 72 -26.67 4.76 -10.62
C THR B 72 -26.62 5.17 -9.15
N TYR B 73 -27.79 5.20 -8.52
CA TYR B 73 -27.90 5.61 -7.14
C TYR B 73 -28.86 4.69 -6.40
N PRO B 74 -28.59 4.40 -5.13
CA PRO B 74 -29.62 3.78 -4.30
C PRO B 74 -30.81 4.70 -4.13
N ASP B 75 -32.01 4.17 -4.39
CA ASP B 75 -33.23 4.98 -4.34
C ASP B 75 -33.56 5.45 -2.92
N ASN B 76 -33.11 4.74 -1.90
CA ASN B 76 -33.49 5.01 -0.52
C ASN B 76 -32.66 6.10 0.14
N LEU B 77 -31.71 6.72 -0.57
CA LEU B 77 -30.86 7.69 0.09
C LEU B 77 -31.33 9.10 -0.20
N PRO B 78 -31.42 9.96 0.82
CA PRO B 78 -31.83 11.35 0.56
C PRO B 78 -30.98 12.05 -0.49
N VAL B 79 -29.67 11.78 -0.53
CA VAL B 79 -28.82 12.42 -1.52
C VAL B 79 -29.21 11.95 -2.93
N SER B 80 -29.59 10.68 -3.08
CA SER B 80 -30.06 10.20 -4.37
C SER B 80 -31.32 10.95 -4.81
N GLN B 81 -32.28 11.08 -3.89
CA GLN B 81 -33.54 11.73 -4.23
C GLN B 81 -33.35 13.20 -4.57
N LYS B 82 -32.42 13.87 -3.89
CA LYS B 82 -32.22 15.30 -4.03
C LYS B 82 -31.07 15.64 -4.96
N LYS B 83 -30.57 14.67 -5.74
CA LYS B 83 -29.33 14.88 -6.48
C LYS B 83 -29.46 15.99 -7.52
N GLN B 84 -30.67 16.25 -8.04
CA GLN B 84 -30.79 17.28 -9.07
C GLN B 84 -30.45 18.66 -8.51
N ASP B 85 -30.97 19.00 -7.32
CA ASP B 85 -30.61 20.26 -6.70
C ASP B 85 -29.13 20.32 -6.43
N ILE B 86 -28.55 19.23 -5.91
CA ILE B 86 -27.12 19.21 -5.64
C ILE B 86 -26.34 19.39 -6.93
N LEU B 87 -26.77 18.71 -8.00
CA LEU B 87 -26.06 18.82 -9.27
C LEU B 87 -26.06 20.25 -9.79
N GLU B 88 -27.21 20.93 -9.71
CA GLU B 88 -27.27 22.29 -10.21
C GLU B 88 -26.46 23.26 -9.34
N ALA B 89 -26.38 22.99 -8.03
CA ALA B 89 -25.56 23.83 -7.17
C ALA B 89 -24.08 23.68 -7.52
N ILE B 90 -23.62 22.44 -7.69
CA ILE B 90 -22.23 22.22 -8.06
C ILE B 90 -21.96 22.83 -9.44
N ARG B 91 -22.88 22.62 -10.38
CA ARG B 91 -22.70 23.15 -11.73
C ARG B 91 -22.51 24.66 -11.73
N ASP B 92 -23.26 25.37 -10.88
CA ASP B 92 -23.36 26.82 -10.97
C ASP B 92 -22.49 27.59 -9.98
N HIS B 93 -21.84 26.91 -9.05
CA HIS B 93 -20.98 27.59 -8.09
C HIS B 93 -19.63 26.88 -8.00
N GLN B 94 -18.57 27.67 -7.80
CA GLN B 94 -17.24 27.10 -7.65
C GLN B 94 -17.07 26.42 -6.30
N VAL B 95 -17.85 26.82 -5.30
CA VAL B 95 -17.82 26.22 -3.98
C VAL B 95 -19.25 25.96 -3.52
N VAL B 96 -19.51 24.77 -3.02
CA VAL B 96 -20.81 24.43 -2.45
C VAL B 96 -20.60 23.76 -1.11
N ILE B 97 -21.36 24.18 -0.11
CA ILE B 97 -21.40 23.51 1.20
C ILE B 97 -22.56 22.55 1.18
N VAL B 98 -22.27 21.25 1.34
CA VAL B 98 -23.32 20.25 1.46
C VAL B 98 -23.33 19.76 2.89
N ALA B 99 -24.42 20.06 3.60
CA ALA B 99 -24.61 19.70 4.99
C ALA B 99 -25.84 18.81 5.10
N GLY B 100 -25.71 17.71 5.83
CA GLY B 100 -26.83 16.80 5.97
C GLY B 100 -26.60 15.83 7.12
N GLU B 101 -27.72 15.26 7.59
CA GLU B 101 -27.68 14.26 8.63
C GLU B 101 -26.80 13.09 8.21
N THR B 102 -26.16 12.45 9.19
CA THR B 102 -25.39 11.26 8.91
C THR B 102 -26.28 10.19 8.28
N GLY B 103 -25.80 9.56 7.23
CA GLY B 103 -26.57 8.56 6.51
C GLY B 103 -27.40 9.10 5.37
N SER B 104 -27.25 10.38 5.01
CA SER B 104 -28.01 10.93 3.90
C SER B 104 -27.50 10.45 2.55
N GLY B 105 -26.29 9.94 2.49
CA GLY B 105 -25.66 9.59 1.24
C GLY B 105 -24.61 10.56 0.74
N LYS B 106 -24.19 11.52 1.57
CA LYS B 106 -23.25 12.53 1.11
C LYS B 106 -21.97 11.87 0.62
N THR B 107 -21.36 11.04 1.47
CA THR B 107 -20.03 10.51 1.17
C THR B 107 -20.05 9.57 -0.03
N THR B 108 -21.03 8.66 -0.11
CA THR B 108 -21.00 7.68 -1.20
C THR B 108 -21.64 8.20 -2.49
N GLN B 109 -22.52 9.20 -2.42
CA GLN B 109 -23.22 9.63 -3.63
C GLN B 109 -22.67 10.93 -4.23
N LEU B 110 -22.03 11.79 -3.43
CA LEU B 110 -21.54 13.06 -3.96
C LEU B 110 -20.56 12.87 -5.12
N PRO B 111 -19.56 11.99 -5.04
CA PRO B 111 -18.67 11.81 -6.20
C PRO B 111 -19.43 11.40 -7.45
N LYS B 112 -20.44 10.54 -7.31
CA LYS B 112 -21.23 10.16 -8.47
C LYS B 112 -21.87 11.39 -9.12
N ILE B 113 -22.45 12.27 -8.30
CA ILE B 113 -23.09 13.47 -8.83
C ILE B 113 -22.08 14.30 -9.61
N CYS B 114 -20.85 14.39 -9.10
CA CYS B 114 -19.82 15.11 -9.84
C CYS B 114 -19.57 14.46 -11.20
N MET B 115 -19.50 13.12 -11.24
CA MET B 115 -19.35 12.44 -12.51
C MET B 115 -20.54 12.68 -13.44
N GLU B 116 -21.76 12.54 -12.91
CA GLU B 116 -22.94 12.74 -13.75
C GLU B 116 -22.93 14.13 -14.38
N LEU B 117 -22.45 15.12 -13.63
CA LEU B 117 -22.31 16.49 -14.13
C LEU B 117 -21.21 16.61 -15.18
N GLY B 118 -20.42 15.56 -15.40
CA GLY B 118 -19.35 15.58 -16.38
C GLY B 118 -17.96 15.83 -15.83
N ARG B 119 -17.82 15.99 -14.51
CA ARG B 119 -16.51 16.25 -13.94
C ARG B 119 -15.77 14.92 -13.74
N GLY B 120 -14.46 15.03 -13.51
CA GLY B 120 -13.65 13.84 -13.33
C GLY B 120 -13.02 13.30 -14.60
N ILE B 121 -13.31 13.88 -15.76
CA ILE B 121 -12.68 13.41 -17.00
C ILE B 121 -11.41 14.17 -17.23
N LYS B 122 -11.51 15.49 -17.38
CA LYS B 122 -10.32 16.30 -17.67
C LYS B 122 -9.44 16.48 -16.45
N GLY B 123 -9.94 16.19 -15.26
CA GLY B 123 -9.14 16.10 -14.05
C GLY B 123 -9.82 15.15 -13.09
N LEU B 124 -9.12 14.82 -12.02
CA LEU B 124 -9.67 13.90 -11.03
C LEU B 124 -10.58 14.63 -10.04
N ILE B 125 -11.54 13.87 -9.49
CA ILE B 125 -12.33 14.29 -8.35
C ILE B 125 -11.64 13.76 -7.10
N GLY B 126 -10.87 14.61 -6.42
CA GLY B 126 -10.27 14.22 -5.16
C GLY B 126 -11.29 14.28 -4.04
N HIS B 127 -11.22 13.28 -3.15
CA HIS B 127 -12.22 13.14 -2.08
C HIS B 127 -11.50 12.74 -0.81
N THR B 128 -11.42 13.66 0.16
CA THR B 128 -10.62 13.44 1.34
C THR B 128 -11.46 12.89 2.48
N GLN B 129 -10.82 12.09 3.32
CA GLN B 129 -11.36 11.56 4.55
C GLN B 129 -10.37 11.79 5.68
N PRO B 130 -10.85 11.91 6.92
CA PRO B 130 -9.91 12.05 8.04
C PRO B 130 -9.04 10.83 8.28
N ARG B 131 -9.49 9.64 7.88
CA ARG B 131 -8.85 8.40 8.29
C ARG B 131 -8.64 7.50 7.09
N ARG B 132 -7.52 6.76 7.10
CA ARG B 132 -7.19 5.89 5.98
C ARG B 132 -8.23 4.78 5.81
N LEU B 133 -8.71 4.22 6.93
CA LEU B 133 -9.72 3.18 6.83
C LEU B 133 -10.98 3.68 6.12
N ALA B 134 -11.35 4.94 6.35
CA ALA B 134 -12.53 5.49 5.66
C ALA B 134 -12.24 5.74 4.19
N ALA B 135 -11.04 6.23 3.86
CA ALA B 135 -10.71 6.45 2.46
C ALA B 135 -10.84 5.15 1.67
N ARG B 136 -10.22 4.09 2.16
CA ARG B 136 -10.25 2.81 1.45
C ARG B 136 -11.68 2.24 1.42
N THR B 137 -12.36 2.24 2.57
CA THR B 137 -13.69 1.63 2.62
C THR B 137 -14.68 2.35 1.73
N VAL B 138 -14.65 3.69 1.72
CA VAL B 138 -15.54 4.45 0.86
C VAL B 138 -15.27 4.14 -0.61
N ALA B 139 -13.99 4.03 -0.98
CA ALA B 139 -13.65 3.80 -2.38
C ALA B 139 -14.12 2.41 -2.83
N ASN B 140 -14.00 1.41 -1.99
CA ASN B 140 -14.52 0.09 -2.34
C ASN B 140 -16.02 0.14 -2.57
N ARG B 141 -16.73 0.88 -1.71
CA ARG B 141 -18.19 0.90 -1.76
C ARG B 141 -18.71 1.57 -3.02
N ILE B 142 -18.15 2.73 -3.38
CA ILE B 142 -18.62 3.41 -4.58
C ILE B 142 -18.32 2.56 -5.81
N ALA B 143 -17.09 2.03 -5.88
CA ALA B 143 -16.74 1.15 -6.99
C ALA B 143 -17.72 0.00 -7.09
N GLU B 144 -18.10 -0.58 -5.95
CA GLU B 144 -19.04 -1.69 -5.96
C GLU B 144 -20.45 -1.25 -6.36
N GLU B 145 -20.89 -0.09 -5.87
CA GLU B 145 -22.22 0.40 -6.23
C GLU B 145 -22.32 0.57 -7.74
N LEU B 146 -21.26 1.05 -8.38
CA LEU B 146 -21.21 1.26 -9.82
C LEU B 146 -20.81 0.01 -10.59
N LYS B 147 -20.57 -1.10 -9.90
CA LYS B 147 -20.19 -2.36 -10.54
C LYS B 147 -18.85 -2.23 -11.27
N THR B 148 -17.87 -1.64 -10.58
CA THR B 148 -16.53 -1.44 -11.10
C THR B 148 -15.52 -2.04 -10.12
N GLU B 149 -14.25 -2.09 -10.55
CA GLU B 149 -13.27 -2.58 -9.60
C GLU B 149 -12.56 -1.42 -8.90
N PRO B 150 -12.24 -1.57 -7.62
CA PRO B 150 -11.44 -0.54 -6.95
C PRO B 150 -10.15 -0.30 -7.70
N GLY B 151 -9.82 0.96 -7.93
CA GLY B 151 -8.68 1.30 -8.75
C GLY B 151 -9.02 1.61 -10.19
N GLY B 152 -10.27 1.39 -10.60
CA GLY B 152 -10.72 1.80 -11.92
C GLY B 152 -11.29 3.20 -11.83
N CYS B 153 -12.57 3.34 -12.14
CA CYS B 153 -13.21 4.64 -12.02
C CYS B 153 -13.00 5.23 -10.63
N ILE B 154 -13.11 4.41 -9.60
CA ILE B 154 -12.92 4.82 -8.21
C ILE B 154 -11.58 4.25 -7.74
N GLY B 155 -10.61 5.13 -7.48
CA GLY B 155 -9.36 4.76 -6.89
C GLY B 155 -9.19 5.33 -5.49
N TYR B 156 -8.02 5.09 -4.93
CA TYR B 156 -7.72 5.63 -3.60
C TYR B 156 -6.22 5.71 -3.41
N LYS B 157 -5.81 6.60 -2.51
CA LYS B 157 -4.40 6.78 -2.15
C LYS B 157 -4.34 7.08 -0.67
N VAL B 158 -3.83 6.13 0.12
CA VAL B 158 -3.58 6.33 1.53
C VAL B 158 -2.14 5.92 1.82
N ARG B 159 -1.73 6.04 3.07
CA ARG B 159 -0.38 5.64 3.42
C ARG B 159 -0.23 4.14 3.23
N PHE B 160 0.83 3.75 2.52
CA PHE B 160 1.21 2.36 2.27
C PHE B 160 0.32 1.66 1.23
N SER B 161 -0.64 2.35 0.61
CA SER B 161 -1.53 1.71 -0.36
C SER B 161 -2.05 2.75 -1.35
N ASN B 162 -1.84 2.52 -2.64
CA ASN B 162 -2.11 3.52 -3.68
C ASN B 162 -2.58 2.82 -4.94
N HIS B 163 -3.91 2.75 -5.13
CA HIS B 163 -4.50 2.15 -6.33
C HIS B 163 -5.24 3.24 -7.12
N VAL B 164 -4.52 3.92 -8.00
CA VAL B 164 -5.09 4.92 -8.89
C VAL B 164 -4.53 4.69 -10.28
N SER B 165 -5.36 4.20 -11.19
CA SER B 165 -4.95 3.89 -12.56
C SER B 165 -5.15 5.08 -13.48
N ASP B 166 -4.86 4.88 -14.77
CA ASP B 166 -5.04 5.93 -15.76
C ASP B 166 -6.50 6.25 -16.05
N ASN B 167 -7.42 5.35 -15.72
CA ASN B 167 -8.84 5.59 -15.90
C ASN B 167 -9.52 6.15 -14.65
N THR B 168 -8.79 6.31 -13.56
CA THR B 168 -9.43 6.72 -12.32
C THR B 168 -9.99 8.13 -12.48
N MET B 169 -11.25 8.29 -12.11
CA MET B 169 -11.95 9.56 -12.12
C MET B 169 -12.16 10.13 -10.73
N VAL B 170 -12.45 9.27 -9.76
CA VAL B 170 -12.64 9.66 -8.36
C VAL B 170 -11.52 9.02 -7.56
N LYS B 171 -10.89 9.80 -6.69
CA LYS B 171 -9.70 9.38 -5.95
C LYS B 171 -9.92 9.68 -4.47
N LEU B 172 -10.28 8.65 -3.70
CA LEU B 172 -10.38 8.82 -2.26
C LEU B 172 -9.00 8.87 -1.64
N MET B 173 -8.87 9.64 -0.56
CA MET B 173 -7.60 9.79 0.14
C MET B 173 -7.89 10.44 1.48
N THR B 174 -6.89 10.41 2.36
CA THR B 174 -6.98 11.16 3.60
C THR B 174 -6.62 12.60 3.32
N ASP B 175 -7.24 13.52 4.07
CA ASP B 175 -6.85 14.92 3.94
C ASP B 175 -5.35 15.07 4.11
N GLY B 176 -4.74 14.27 5.00
CA GLY B 176 -3.30 14.29 5.13
C GLY B 176 -2.59 14.00 3.81
N ILE B 177 -3.09 13.03 3.05
CA ILE B 177 -2.50 12.72 1.75
C ILE B 177 -2.60 13.94 0.82
N LEU B 178 -3.76 14.61 0.79
CA LEU B 178 -3.93 15.74 -0.11
C LEU B 178 -2.98 16.89 0.24
N LEU B 179 -2.78 17.16 1.53
CA LEU B 179 -1.86 18.21 1.93
C LEU B 179 -0.43 17.90 1.46
N ALA B 180 0.00 16.64 1.56
CA ALA B 180 1.36 16.30 1.17
C ALA B 180 1.59 16.45 -0.34
N GLU B 181 0.53 16.50 -1.14
CA GLU B 181 0.73 16.64 -2.58
C GLU B 181 0.94 18.08 -3.01
N ILE B 182 0.61 19.05 -2.14
CA ILE B 182 0.75 20.45 -2.51
C ILE B 182 2.19 20.78 -2.87
N GLN B 183 3.14 20.30 -2.07
CA GLN B 183 4.54 20.59 -2.32
C GLN B 183 4.91 20.28 -3.77
N GLN B 184 4.53 19.09 -4.23
CA GLN B 184 4.85 18.65 -5.59
C GLN B 184 3.97 19.33 -6.63
N ASP B 185 2.74 19.72 -6.26
CA ASP B 185 1.79 20.29 -7.22
C ASP B 185 1.11 21.48 -6.55
N ARG B 186 1.70 22.67 -6.70
CA ARG B 186 1.24 23.81 -5.93
C ARG B 186 -0.17 24.24 -6.34
N LEU B 187 -0.52 24.03 -7.60
CA LEU B 187 -1.84 24.40 -8.12
C LEU B 187 -2.82 23.24 -8.09
N LEU B 188 -2.39 22.06 -7.63
CA LEU B 188 -3.27 20.90 -7.53
C LEU B 188 -3.90 20.56 -8.88
N MET B 189 -3.10 20.69 -9.94
CA MET B 189 -3.61 20.55 -11.29
C MET B 189 -4.13 19.15 -11.60
N GLN B 190 -3.84 18.16 -10.75
CA GLN B 190 -4.38 16.84 -10.98
C GLN B 190 -5.91 16.82 -10.89
N TYR B 191 -6.50 17.77 -10.18
CA TYR B 191 -7.90 17.71 -9.80
C TYR B 191 -8.69 18.79 -10.50
N ASP B 192 -9.88 18.43 -10.99
CA ASP B 192 -10.88 19.41 -11.35
C ASP B 192 -11.89 19.65 -10.23
N THR B 193 -11.99 18.72 -9.28
CA THR B 193 -12.94 18.82 -8.19
C THR B 193 -12.31 18.28 -6.92
N ILE B 194 -12.61 18.91 -5.79
CA ILE B 194 -12.06 18.49 -4.51
C ILE B 194 -13.21 18.47 -3.49
N ILE B 195 -13.44 17.32 -2.87
CA ILE B 195 -14.47 17.14 -1.86
C ILE B 195 -13.78 16.99 -0.53
N ILE B 196 -13.96 17.97 0.36
CA ILE B 196 -13.46 17.89 1.72
C ILE B 196 -14.59 17.31 2.56
N ASP B 197 -14.42 16.05 2.98
CA ASP B 197 -15.48 15.32 3.65
C ASP B 197 -15.25 15.27 5.16
N GLU B 198 -16.35 15.14 5.91
CA GLU B 198 -16.31 15.15 7.37
C GLU B 198 -15.75 16.47 7.89
N ALA B 199 -16.03 17.55 7.17
CA ALA B 199 -15.36 18.83 7.42
C ALA B 199 -15.67 19.38 8.80
N HIS B 200 -16.79 18.98 9.41
CA HIS B 200 -17.15 19.46 10.73
C HIS B 200 -16.21 18.96 11.82
N GLU B 201 -15.28 18.06 11.49
CA GLU B 201 -14.30 17.67 12.50
C GLU B 201 -13.28 18.77 12.75
N ARG B 202 -13.10 19.69 11.81
CA ARG B 202 -12.24 20.86 12.00
C ARG B 202 -10.89 20.47 12.59
N SER B 203 -10.30 19.41 12.06
CA SER B 203 -8.93 19.07 12.41
C SER B 203 -7.98 20.09 11.79
N LEU B 204 -6.71 20.02 12.19
CA LEU B 204 -5.72 20.90 11.57
C LEU B 204 -5.62 20.63 10.08
N ASN B 205 -5.64 19.35 9.68
CA ASN B 205 -5.60 19.01 8.27
C ASN B 205 -6.74 19.65 7.49
N ILE B 206 -7.97 19.48 7.97
CA ILE B 206 -9.12 20.06 7.27
C ILE B 206 -8.96 21.56 7.15
N ASP B 207 -8.66 22.24 8.26
CA ASP B 207 -8.47 23.69 8.19
C ASP B 207 -7.28 24.05 7.29
N PHE B 208 -6.23 23.23 7.28
CA PHE B 208 -5.13 23.49 6.35
C PHE B 208 -5.62 23.45 4.90
N LEU B 209 -6.45 22.47 4.56
CA LEU B 209 -7.00 22.38 3.22
C LEU B 209 -7.94 23.53 2.92
N LEU B 210 -8.81 23.88 3.88
CA LEU B 210 -9.77 24.94 3.63
C LEU B 210 -9.06 26.27 3.42
N GLY B 211 -8.00 26.52 4.19
CA GLY B 211 -7.22 27.73 3.97
C GLY B 211 -6.49 27.72 2.65
N TYR B 212 -5.81 26.62 2.34
CA TYR B 212 -5.05 26.56 1.09
C TYR B 212 -5.96 26.66 -0.12
N LEU B 213 -7.09 25.96 -0.09
CA LEU B 213 -8.01 26.01 -1.23
C LEU B 213 -8.53 27.42 -1.47
N LYS B 214 -8.95 28.11 -0.40
CA LYS B 214 -9.45 29.47 -0.58
C LYS B 214 -8.39 30.36 -1.21
N GLU B 215 -7.14 30.20 -0.77
CA GLU B 215 -6.04 30.92 -1.40
C GLU B 215 -5.87 30.50 -2.86
N LEU B 216 -6.08 29.22 -3.16
CA LEU B 216 -5.82 28.71 -4.50
C LEU B 216 -6.88 29.14 -5.50
N LEU B 217 -8.12 29.33 -5.08
CA LEU B 217 -9.22 29.51 -6.01
C LEU B 217 -9.00 30.58 -7.06
N PRO B 218 -8.49 31.77 -6.73
CA PRO B 218 -8.31 32.79 -7.77
C PRO B 218 -7.45 32.31 -8.92
N ARG B 219 -6.52 31.39 -8.66
CA ARG B 219 -5.63 30.85 -9.69
C ARG B 219 -6.15 29.56 -10.30
N ARG B 220 -7.31 29.08 -9.88
CA ARG B 220 -7.93 27.86 -10.44
C ARG B 220 -9.39 28.15 -10.74
N PRO B 221 -9.68 28.97 -11.74
CA PRO B 221 -11.08 29.21 -12.11
C PRO B 221 -11.81 27.96 -12.59
N ASP B 222 -11.07 26.92 -13.01
CA ASP B 222 -11.67 25.68 -13.45
C ASP B 222 -11.97 24.71 -12.31
N LEU B 223 -11.47 24.96 -11.11
CA LEU B 223 -11.58 24.00 -10.02
C LEU B 223 -12.86 24.22 -9.24
N LYS B 224 -13.50 23.11 -8.85
CA LYS B 224 -14.71 23.16 -8.03
C LYS B 224 -14.47 22.50 -6.68
N ILE B 225 -15.05 23.09 -5.64
CA ILE B 225 -14.85 22.67 -4.26
C ILE B 225 -16.20 22.31 -3.67
N ILE B 226 -16.25 21.20 -2.94
CA ILE B 226 -17.47 20.76 -2.27
C ILE B 226 -17.09 20.44 -0.83
N ILE B 227 -17.52 21.29 0.10
CA ILE B 227 -17.29 21.06 1.52
C ILE B 227 -18.47 20.24 2.03
N THR B 228 -18.18 19.05 2.55
CA THR B 228 -19.22 18.12 2.94
C THR B 228 -19.09 17.88 4.44
N SER B 229 -20.22 17.99 5.15
CA SER B 229 -20.13 17.92 6.60
C SER B 229 -21.50 17.67 7.20
N ALA B 230 -21.50 17.35 8.49
CA ALA B 230 -22.72 17.32 9.29
C ALA B 230 -23.28 18.73 9.41
N THR B 231 -24.58 18.81 9.70
CA THR B 231 -25.28 20.09 9.78
C THR B 231 -24.94 20.74 11.12
N ILE B 232 -23.72 21.26 11.19
CA ILE B 232 -23.18 21.84 12.42
C ILE B 232 -22.52 23.16 12.02
N ASP B 233 -23.24 24.26 12.22
CA ASP B 233 -22.73 25.59 11.93
C ASP B 233 -22.06 25.65 10.55
N PRO B 234 -22.73 25.15 9.50
CA PRO B 234 -22.12 25.22 8.16
C PRO B 234 -22.04 26.64 7.64
N GLU B 235 -22.79 27.58 8.21
CA GLU B 235 -22.65 28.97 7.82
C GLU B 235 -21.20 29.43 7.89
N ARG B 236 -20.43 28.89 8.83
CA ARG B 236 -19.03 29.28 8.97
C ARG B 236 -18.22 28.88 7.74
N PHE B 237 -18.47 27.69 7.20
CA PHE B 237 -17.84 27.35 5.92
C PHE B 237 -18.31 28.29 4.82
N SER B 238 -19.60 28.68 4.86
CA SER B 238 -20.15 29.51 3.80
C SER B 238 -19.48 30.87 3.75
N ARG B 239 -19.43 31.58 4.89
CA ARG B 239 -18.82 32.89 4.84
C ARG B 239 -17.33 32.81 4.51
N HIS B 240 -16.66 31.74 4.95
CA HIS B 240 -15.25 31.60 4.61
C HIS B 240 -15.03 31.56 3.11
N PHE B 241 -15.87 30.80 2.39
CA PHE B 241 -15.81 30.80 0.93
C PHE B 241 -16.76 31.82 0.31
N ASN B 242 -16.64 33.07 0.76
CA ASN B 242 -17.38 34.21 0.22
C ASN B 242 -18.85 33.88 0.00
N ASN B 243 -19.50 33.44 1.08
CA ASN B 243 -20.92 33.15 1.10
C ASN B 243 -21.31 32.15 0.01
N ALA B 244 -20.65 31.00 0.05
CA ALA B 244 -21.02 29.91 -0.84
C ALA B 244 -22.35 29.30 -0.40
N PRO B 245 -23.14 28.81 -1.34
CA PRO B 245 -24.44 28.22 -0.99
C PRO B 245 -24.31 27.02 -0.07
N ILE B 246 -25.33 26.82 0.77
CA ILE B 246 -25.42 25.68 1.67
C ILE B 246 -26.64 24.87 1.26
N ILE B 247 -26.41 23.66 0.76
CA ILE B 247 -27.47 22.72 0.44
C ILE B 247 -27.61 21.79 1.64
N GLU B 248 -28.75 21.84 2.31
CA GLU B 248 -29.02 20.93 3.43
C GLU B 248 -29.78 19.73 2.88
N VAL B 249 -29.17 18.55 2.95
CA VAL B 249 -29.65 17.37 2.24
C VAL B 249 -30.24 16.34 3.19
N SER B 250 -30.50 16.69 4.43
CA SER B 250 -31.13 15.76 5.34
C SER B 250 -32.46 15.27 4.80
N GLY B 251 -32.70 13.96 4.91
CA GLY B 251 -34.00 13.38 4.65
C GLY B 251 -34.84 13.40 5.90
N ARG B 252 -35.87 12.54 5.92
CA ARG B 252 -36.74 12.51 7.08
C ARG B 252 -36.02 11.90 8.27
N THR B 253 -36.14 12.54 9.43
CA THR B 253 -35.58 12.05 10.69
C THR B 253 -36.64 12.16 11.77
N TYR B 254 -36.74 11.14 12.58
CA TYR B 254 -37.76 11.09 13.60
C TYR B 254 -37.23 11.55 14.95
N PRO B 255 -38.09 12.07 15.81
CA PRO B 255 -37.64 12.47 17.16
C PRO B 255 -37.13 11.27 17.94
N VAL B 256 -36.19 11.53 18.83
CA VAL B 256 -35.51 10.49 19.59
C VAL B 256 -35.77 10.72 21.07
N GLU B 257 -36.20 9.67 21.77
CA GLU B 257 -36.35 9.76 23.22
C GLU B 257 -34.98 9.78 23.88
N VAL B 258 -34.77 10.76 24.75
CA VAL B 258 -33.52 10.88 25.51
C VAL B 258 -33.82 10.49 26.95
N ARG B 259 -33.07 9.52 27.46
CA ARG B 259 -33.20 9.09 28.84
C ARG B 259 -31.90 9.39 29.57
N TYR B 260 -31.98 10.18 30.64
CA TYR B 260 -30.81 10.61 31.39
C TYR B 260 -30.56 9.66 32.55
N ARG B 261 -29.36 9.09 32.60
CA ARG B 261 -28.98 8.11 33.61
C ARG B 261 -27.66 8.53 34.24
N PRO B 262 -27.67 9.61 35.02
CA PRO B 262 -26.41 10.19 35.51
C PRO B 262 -25.62 9.21 36.37
N ILE B 263 -24.35 9.53 36.54
CA ILE B 263 -23.40 8.72 37.31
C ILE B 263 -23.44 7.26 36.86
N THR B 270 -18.84 2.58 47.30
CA THR B 270 -17.59 2.98 46.66
C THR B 270 -17.10 1.91 45.69
N GLU B 271 -17.70 0.72 45.77
CA GLU B 271 -17.28 -0.42 44.97
C GLU B 271 -18.12 -0.62 43.70
N ARG B 272 -18.79 0.43 43.24
CA ARG B 272 -19.54 0.33 41.99
C ARG B 272 -18.58 0.09 40.83
N ASP B 273 -18.98 -0.76 39.89
CA ASP B 273 -18.17 -1.03 38.71
C ASP B 273 -18.15 0.18 37.78
N GLN B 274 -17.02 0.37 37.09
CA GLN B 274 -16.90 1.48 36.16
C GLN B 274 -17.84 1.31 34.97
N LEU B 275 -18.00 0.08 34.49
CA LEU B 275 -18.87 -0.21 33.36
C LEU B 275 -20.28 -0.56 33.78
N GLN B 276 -20.61 -0.46 35.07
CA GLN B 276 -21.91 -0.88 35.54
C GLN B 276 -23.03 -0.08 34.88
N ALA B 277 -22.82 1.24 34.70
CA ALA B 277 -23.83 2.06 34.05
C ALA B 277 -24.14 1.54 32.65
N ILE B 278 -23.11 1.13 31.91
CA ILE B 278 -23.31 0.59 30.56
C ILE B 278 -24.11 -0.71 30.62
N PHE B 279 -23.78 -1.60 31.57
CA PHE B 279 -24.53 -2.84 31.71
C PHE B 279 -26.00 -2.55 31.98
N ASP B 280 -26.28 -1.61 32.89
CA ASP B 280 -27.67 -1.25 33.17
C ASP B 280 -28.38 -0.76 31.92
N ALA B 281 -27.77 0.18 31.20
CA ALA B 281 -28.38 0.70 29.98
C ALA B 281 -28.60 -0.42 28.96
N VAL B 282 -27.64 -1.34 28.84
CA VAL B 282 -27.78 -2.44 27.90
C VAL B 282 -28.99 -3.29 28.25
N ASP B 283 -29.14 -3.64 29.53
CA ASP B 283 -30.27 -4.46 29.93
C ASP B 283 -31.60 -3.74 29.68
N GLU B 284 -31.63 -2.44 29.94
CA GLU B 284 -32.84 -1.65 29.71
C GLU B 284 -33.22 -1.64 28.24
N LEU B 285 -32.25 -1.38 27.36
CA LEU B 285 -32.53 -1.35 25.92
C LEU B 285 -32.90 -2.72 25.39
N SER B 286 -32.36 -3.79 25.98
CA SER B 286 -32.69 -5.14 25.54
C SER B 286 -34.16 -5.46 25.72
N GLN B 287 -34.85 -4.75 26.62
CA GLN B 287 -36.28 -4.96 26.82
C GLN B 287 -37.13 -4.26 25.77
N GLU B 288 -36.53 -3.54 24.83
CA GLU B 288 -37.26 -2.75 23.85
C GLU B 288 -37.44 -3.55 22.56
N SER B 289 -38.18 -2.95 21.62
CA SER B 289 -38.47 -3.62 20.37
C SER B 289 -37.19 -3.80 19.56
N PRO B 290 -37.20 -4.74 18.61
CA PRO B 290 -35.96 -5.07 17.90
C PRO B 290 -35.27 -3.83 17.36
N GLY B 291 -33.95 -3.92 17.24
CA GLY B 291 -33.11 -2.78 16.92
C GLY B 291 -31.76 -2.89 17.59
N ASP B 292 -30.71 -2.47 16.89
CA ASP B 292 -29.36 -2.61 17.39
C ASP B 292 -28.97 -1.41 18.26
N ILE B 293 -28.01 -1.65 19.17
CA ILE B 293 -27.54 -0.65 20.11
C ILE B 293 -26.13 -0.23 19.71
N LEU B 294 -25.90 1.08 19.66
CA LEU B 294 -24.58 1.64 19.41
C LEU B 294 -24.07 2.26 20.70
N ILE B 295 -22.92 1.79 21.17
CA ILE B 295 -22.31 2.27 22.41
C ILE B 295 -21.04 3.01 22.06
N PHE B 296 -20.96 4.28 22.47
CA PHE B 296 -19.80 5.11 22.20
C PHE B 296 -18.79 4.93 23.33
N MET B 297 -17.57 4.53 22.97
CA MET B 297 -16.50 4.30 23.93
C MET B 297 -15.37 5.28 23.69
N SER B 298 -14.53 5.46 24.71
CA SER B 298 -13.44 6.42 24.65
C SER B 298 -12.17 5.87 23.99
N GLY B 299 -12.11 4.58 23.69
CA GLY B 299 -10.90 4.05 23.09
C GLY B 299 -11.00 2.56 22.84
N GLU B 300 -9.91 2.01 22.30
CA GLU B 300 -9.90 0.63 21.85
C GLU B 300 -9.90 -0.35 23.03
N ARG B 301 -9.04 -0.12 24.02
CA ARG B 301 -8.98 -1.04 25.15
C ARG B 301 -10.26 -0.98 25.97
N GLU B 302 -10.90 0.19 26.05
CA GLU B 302 -12.20 0.26 26.70
C GLU B 302 -13.23 -0.58 25.93
N ILE B 303 -13.16 -0.55 24.60
CA ILE B 303 -14.06 -1.37 23.79
C ILE B 303 -13.78 -2.85 24.00
N ARG B 304 -12.49 -3.20 24.11
CA ARG B 304 -12.10 -4.59 24.33
C ARG B 304 -12.64 -5.10 25.67
N ASP B 305 -12.39 -4.36 26.75
CA ASP B 305 -12.88 -4.76 28.05
C ASP B 305 -14.41 -4.85 28.06
N THR B 306 -15.08 -3.92 27.37
CA THR B 306 -16.53 -3.92 27.37
C THR B 306 -17.09 -5.06 26.53
N ALA B 307 -16.43 -5.43 25.44
CA ALA B 307 -16.89 -6.59 24.68
C ALA B 307 -16.70 -7.87 25.49
N ASP B 308 -15.55 -8.00 26.16
CA ASP B 308 -15.32 -9.16 27.02
C ASP B 308 -16.38 -9.26 28.11
N ALA B 309 -16.70 -8.14 28.76
CA ALA B 309 -17.70 -8.16 29.83
C ALA B 309 -19.06 -8.57 29.29
N LEU B 310 -19.52 -7.92 28.21
CA LEU B 310 -20.84 -8.20 27.68
C LEU B 310 -20.96 -9.64 27.19
N ASN B 311 -19.84 -10.23 26.74
CA ASN B 311 -19.86 -11.63 26.34
C ASN B 311 -19.99 -12.56 27.55
N LYS B 312 -19.20 -12.31 28.60
CA LYS B 312 -19.35 -13.07 29.84
C LYS B 312 -20.80 -13.20 30.25
N LEU B 313 -21.58 -12.12 30.09
CA LEU B 313 -22.97 -12.12 30.56
C LEU B 313 -23.83 -13.14 29.82
N ASN B 314 -23.49 -13.45 28.57
CA ASN B 314 -24.32 -14.31 27.74
C ASN B 314 -25.71 -13.71 27.56
N LEU B 315 -25.72 -12.49 27.04
CA LEU B 315 -26.99 -11.84 26.70
C LEU B 315 -27.71 -12.67 25.64
N ARG B 316 -28.90 -13.15 25.97
CA ARG B 316 -29.62 -14.04 25.06
C ARG B 316 -29.93 -13.35 23.74
N HIS B 317 -29.69 -14.06 22.64
CA HIS B 317 -29.96 -13.56 21.29
C HIS B 317 -29.38 -12.17 21.08
N THR B 318 -28.15 -11.98 21.56
CA THR B 318 -27.42 -10.73 21.37
C THR B 318 -25.99 -11.05 20.99
N GLU B 319 -25.50 -10.44 19.93
CA GLU B 319 -24.10 -10.56 19.53
C GLU B 319 -23.43 -9.21 19.68
N ILE B 320 -22.22 -9.22 20.23
CA ILE B 320 -21.43 -8.03 20.48
C ILE B 320 -20.44 -7.87 19.33
N LEU B 321 -20.34 -6.65 18.80
CA LEU B 321 -19.45 -6.36 17.68
C LEU B 321 -18.63 -5.12 18.00
N PRO B 322 -17.36 -5.27 18.37
CA PRO B 322 -16.51 -4.11 18.63
C PRO B 322 -15.84 -3.60 17.36
N LEU B 323 -15.96 -2.31 17.08
CA LEU B 323 -15.35 -1.70 15.90
C LEU B 323 -13.96 -1.21 16.28
N TYR B 324 -12.95 -2.01 16.02
CA TYR B 324 -11.57 -1.60 16.20
C TYR B 324 -11.05 -0.95 14.92
N ALA B 325 -10.12 -0.02 15.08
CA ALA B 325 -9.40 0.49 13.91
C ALA B 325 -8.61 -0.64 13.24
N ARG B 326 -8.17 -1.62 14.02
CA ARG B 326 -7.38 -2.74 13.53
C ARG B 326 -8.25 -3.93 13.11
N LEU B 327 -9.52 -3.69 12.75
CA LEU B 327 -10.37 -4.76 12.28
C LEU B 327 -9.98 -5.19 10.87
N SER B 328 -9.89 -6.49 10.66
CA SER B 328 -9.58 -7.01 9.34
C SER B 328 -10.76 -6.81 8.39
N ASN B 329 -10.48 -6.96 7.10
CA ASN B 329 -11.55 -6.82 6.10
C ASN B 329 -12.68 -7.81 6.36
N SER B 330 -12.37 -8.99 6.89
CA SER B 330 -13.41 -9.96 7.19
C SER B 330 -14.35 -9.46 8.28
N GLU B 331 -13.82 -8.72 9.27
CA GLU B 331 -14.66 -8.23 10.34
C GLU B 331 -15.47 -7.01 9.93
N GLN B 332 -14.89 -6.13 9.10
CA GLN B 332 -15.62 -4.92 8.70
C GLN B 332 -16.85 -5.24 7.88
N ASN B 333 -16.84 -6.36 7.14
CA ASN B 333 -17.99 -6.69 6.32
C ASN B 333 -19.17 -7.16 7.15
N ARG B 334 -18.93 -7.75 8.33
CA ARG B 334 -20.03 -8.21 9.15
C ARG B 334 -20.83 -7.05 9.73
N VAL B 335 -20.29 -5.84 9.72
CA VAL B 335 -21.05 -4.68 10.17
C VAL B 335 -22.29 -4.50 9.34
N PHE B 336 -22.19 -4.75 8.03
CA PHE B 336 -23.28 -4.50 7.09
C PHE B 336 -24.02 -5.76 6.69
N GLN B 337 -23.73 -6.89 7.30
CA GLN B 337 -24.46 -8.11 7.02
C GLN B 337 -25.76 -8.15 7.80
N SER B 338 -26.77 -8.78 7.22
CA SER B 338 -27.98 -9.07 7.96
C SER B 338 -27.64 -9.98 9.13
N HIS B 339 -28.27 -9.75 10.27
CA HIS B 339 -28.01 -10.55 11.46
C HIS B 339 -29.30 -10.99 12.12
N SER B 340 -29.23 -12.13 12.80
CA SER B 340 -30.43 -12.79 13.30
C SER B 340 -31.19 -11.93 14.32
N GLY B 341 -30.56 -11.65 15.46
CA GLY B 341 -31.32 -11.10 16.57
C GLY B 341 -31.06 -9.65 16.86
N ARG B 342 -30.48 -9.36 18.02
CA ARG B 342 -30.09 -8.01 18.41
C ARG B 342 -28.58 -7.92 18.48
N ARG B 343 -28.03 -6.85 17.92
CA ARG B 343 -26.60 -6.65 17.84
C ARG B 343 -26.21 -5.39 18.60
N ILE B 344 -25.17 -5.49 19.42
CA ILE B 344 -24.63 -4.34 20.17
C ILE B 344 -23.31 -3.96 19.53
N VAL B 345 -23.21 -2.70 19.08
CA VAL B 345 -22.03 -2.22 18.39
C VAL B 345 -21.28 -1.28 19.34
N LEU B 346 -20.00 -1.59 19.59
CA LEU B 346 -19.14 -0.77 20.42
C LEU B 346 -18.18 -0.01 19.52
N ALA B 347 -18.15 1.30 19.66
CA ALA B 347 -17.33 2.12 18.78
C ALA B 347 -16.86 3.37 19.52
N THR B 348 -15.74 3.91 19.04
CA THR B 348 -15.34 5.27 19.37
C THR B 348 -16.16 6.24 18.51
N ASN B 349 -15.85 7.54 18.61
CA ASN B 349 -16.63 8.56 17.93
C ASN B 349 -16.50 8.53 16.41
N VAL B 350 -15.75 7.59 15.82
CA VAL B 350 -15.72 7.50 14.37
C VAL B 350 -17.10 7.19 13.82
N ALA B 351 -17.87 6.37 14.54
CA ALA B 351 -19.24 6.06 14.16
C ALA B 351 -20.22 7.15 14.59
N GLU B 352 -19.72 8.22 15.23
CA GLU B 352 -20.57 9.35 15.57
C GLU B 352 -21.15 10.00 14.31
N THR B 353 -20.29 10.45 13.41
CA THR B 353 -20.73 11.06 12.16
C THR B 353 -20.08 10.41 10.93
N SER B 354 -18.85 9.93 11.08
CA SER B 354 -18.13 9.38 9.93
C SER B 354 -18.68 8.03 9.51
N LEU B 355 -18.63 7.05 10.41
CA LEU B 355 -19.21 5.74 10.13
C LEU B 355 -20.73 5.84 10.08
N THR B 356 -21.34 4.86 9.41
CA THR B 356 -22.79 4.74 9.37
C THR B 356 -23.14 3.30 9.74
N VAL B 357 -23.27 3.04 11.03
CA VAL B 357 -23.60 1.69 11.50
C VAL B 357 -25.06 1.43 11.12
N PRO B 358 -25.34 0.40 10.33
CA PRO B 358 -26.71 0.14 9.91
C PRO B 358 -27.54 -0.50 11.03
N GLY B 359 -28.85 -0.38 10.87
CA GLY B 359 -29.78 -1.05 11.76
C GLY B 359 -29.83 -0.50 13.18
N ILE B 360 -29.32 0.70 13.40
CA ILE B 360 -29.24 1.27 14.74
C ILE B 360 -30.55 1.95 15.08
N LYS B 361 -31.04 1.69 16.30
CA LYS B 361 -32.21 2.35 16.85
C LYS B 361 -31.99 2.87 18.26
N TYR B 362 -31.02 2.32 19.00
CA TYR B 362 -30.77 2.69 20.37
C TYR B 362 -29.30 3.05 20.54
N VAL B 363 -29.03 4.08 21.31
CA VAL B 363 -27.69 4.60 21.52
C VAL B 363 -27.42 4.69 23.02
N ILE B 364 -26.23 4.28 23.44
CA ILE B 364 -25.75 4.53 24.79
C ILE B 364 -24.57 5.49 24.68
N ASP B 365 -24.68 6.65 25.33
CA ASP B 365 -23.73 7.75 25.19
C ASP B 365 -23.11 8.08 26.53
N PRO B 366 -21.94 7.50 26.85
CA PRO B 366 -21.26 7.89 28.10
C PRO B 366 -20.95 9.37 28.16
N GLY B 367 -20.85 10.05 27.02
CA GLY B 367 -20.77 11.49 26.99
C GLY B 367 -19.37 12.06 26.91
N THR B 368 -18.34 11.23 26.83
CA THR B 368 -16.96 11.70 26.83
C THR B 368 -16.31 11.38 25.48
N ALA B 369 -15.15 11.99 25.27
CA ALA B 369 -14.36 11.71 24.09
C ALA B 369 -12.93 12.16 24.35
N ARG B 370 -12.01 11.44 23.72
CA ARG B 370 -10.61 11.82 23.72
C ARG B 370 -10.42 12.97 22.73
N ILE B 371 -9.82 14.08 23.18
CA ILE B 371 -9.66 15.26 22.35
C ILE B 371 -8.30 15.89 22.61
N SER B 372 -7.65 16.37 21.54
CA SER B 372 -6.36 17.02 21.66
C SER B 372 -6.52 18.43 22.21
N ARG B 373 -5.81 18.72 23.29
CA ARG B 373 -5.92 20.03 23.93
C ARG B 373 -4.61 20.37 24.62
N TYR B 374 -4.09 21.55 24.33
CA TYR B 374 -2.86 22.02 24.95
C TYR B 374 -3.13 22.46 26.39
N SER B 375 -2.30 21.99 27.30
CA SER B 375 -2.41 22.35 28.71
C SER B 375 -1.43 23.48 29.01
N TYR B 376 -1.96 24.62 29.48
CA TYR B 376 -1.08 25.69 29.94
C TYR B 376 -0.49 25.37 31.30
N ARG B 377 -1.08 24.43 32.03
CA ARG B 377 -0.54 24.04 33.33
C ARG B 377 0.73 23.20 33.17
N THR B 378 0.71 22.24 32.23
CA THR B 378 1.85 21.35 32.02
C THR B 378 2.70 21.72 30.83
N LYS B 379 2.27 22.66 29.99
CA LYS B 379 3.01 23.07 28.80
C LYS B 379 3.11 21.95 27.77
N VAL B 380 2.10 21.09 27.72
CA VAL B 380 2.12 19.89 26.89
C VAL B 380 0.81 19.80 26.13
N GLN B 381 0.89 19.47 24.84
CA GLN B 381 -0.29 19.03 24.13
C GLN B 381 -0.72 17.68 24.70
N ARG B 382 -1.99 17.57 25.10
CA ARG B 382 -2.48 16.38 25.78
C ARG B 382 -3.69 15.82 25.06
N LEU B 383 -4.18 14.70 25.58
CA LEU B 383 -5.38 14.03 25.08
C LEU B 383 -6.35 13.81 26.23
N PRO B 384 -6.84 14.89 26.85
CA PRO B 384 -7.82 14.71 27.93
C PRO B 384 -9.06 13.99 27.42
N ILE B 385 -9.62 13.14 28.27
CA ILE B 385 -10.94 12.57 28.05
C ILE B 385 -11.91 13.48 28.78
N GLU B 386 -12.60 14.33 28.03
CA GLU B 386 -13.47 15.33 28.61
C GLU B 386 -14.90 15.18 28.10
N PRO B 387 -15.87 15.80 28.77
CA PRO B 387 -17.25 15.75 28.28
C PRO B 387 -17.34 16.34 26.88
N ILE B 388 -18.12 15.68 26.03
CA ILE B 388 -18.33 16.14 24.67
C ILE B 388 -19.25 17.35 24.65
N SER B 389 -19.23 18.06 23.52
CA SER B 389 -20.06 19.24 23.35
C SER B 389 -21.50 18.84 23.04
N GLN B 390 -22.41 19.80 23.22
CA GLN B 390 -23.81 19.56 22.89
C GLN B 390 -23.97 19.13 21.43
N ALA B 391 -23.28 19.82 20.53
CA ALA B 391 -23.34 19.45 19.11
C ALA B 391 -22.89 18.01 18.91
N SER B 392 -21.81 17.62 19.60
CA SER B 392 -21.32 16.26 19.49
C SER B 392 -22.32 15.26 20.08
N ALA B 393 -22.84 15.57 21.27
CA ALA B 393 -23.82 14.67 21.88
C ALA B 393 -25.09 14.57 21.05
N ASN B 394 -25.46 15.65 20.36
CA ASN B 394 -26.64 15.59 19.50
C ASN B 394 -26.42 14.71 18.28
N GLN B 395 -25.18 14.66 17.76
CA GLN B 395 -24.88 13.72 16.69
C GLN B 395 -25.08 12.28 17.15
N ARG B 396 -24.53 11.94 18.31
CA ARG B 396 -24.71 10.59 18.85
C ARG B 396 -26.19 10.26 19.01
N LYS B 397 -26.96 11.18 19.60
CA LYS B 397 -28.41 10.99 19.70
C LYS B 397 -29.02 10.77 18.32
N GLY B 398 -28.68 11.63 17.37
CA GLY B 398 -29.27 11.59 16.03
C GLY B 398 -29.17 10.25 15.33
N ARG B 399 -28.24 9.39 15.74
CA ARG B 399 -28.11 8.10 15.08
C ARG B 399 -29.33 7.21 15.29
N CYS B 400 -30.17 7.50 16.28
CA CYS B 400 -31.42 6.78 16.45
C CYS B 400 -32.53 7.33 15.57
N GLY B 401 -32.39 8.54 15.05
CA GLY B 401 -33.48 9.18 14.34
C GLY B 401 -33.78 8.62 12.97
N ARG B 402 -33.01 7.63 12.51
CA ARG B 402 -33.29 7.03 11.21
C ARG B 402 -34.66 6.37 11.17
N VAL B 403 -35.16 5.92 12.33
CA VAL B 403 -36.50 5.36 12.46
C VAL B 403 -37.20 6.06 13.61
N SER B 404 -38.49 5.76 13.75
CA SER B 404 -39.26 6.34 14.84
C SER B 404 -39.07 5.55 16.13
N GLU B 405 -39.21 6.26 17.25
CA GLU B 405 -39.11 5.66 18.59
C GLU B 405 -37.68 5.18 18.89
N GLY B 406 -36.69 5.92 18.40
CA GLY B 406 -35.33 5.66 18.82
C GLY B 406 -35.11 6.14 20.24
N ILE B 407 -34.19 5.48 20.93
CA ILE B 407 -33.91 5.78 22.33
C ILE B 407 -32.43 6.06 22.49
N CYS B 408 -32.12 7.19 23.11
CA CYS B 408 -30.74 7.56 23.43
C CYS B 408 -30.63 7.68 24.93
N ILE B 409 -29.82 6.81 25.54
CA ILE B 409 -29.55 6.85 26.96
C ILE B 409 -28.25 7.61 27.16
N ARG B 410 -28.32 8.74 27.86
CA ARG B 410 -27.14 9.54 28.18
C ARG B 410 -26.75 9.25 29.62
N LEU B 411 -25.50 8.84 29.82
CA LEU B 411 -25.01 8.52 31.15
C LEU B 411 -24.54 9.79 31.85
N TYR B 412 -25.42 10.78 31.91
CA TYR B 412 -25.17 12.05 32.58
C TYR B 412 -26.50 12.76 32.72
N SER B 413 -26.50 13.85 33.49
CA SER B 413 -27.75 14.53 33.81
C SER B 413 -28.16 15.47 32.67
N GLU B 414 -29.42 15.91 32.73
CA GLU B 414 -29.87 16.92 31.78
C GLU B 414 -29.25 18.28 32.09
N ASP B 415 -29.15 18.63 33.37
CA ASP B 415 -28.42 19.84 33.74
C ASP B 415 -27.03 19.84 33.13
N ASP B 416 -26.31 18.73 33.29
CA ASP B 416 -24.98 18.62 32.70
C ASP B 416 -25.00 18.93 31.22
N PHE B 417 -25.89 18.26 30.48
CA PHE B 417 -25.97 18.49 29.03
C PHE B 417 -26.22 19.96 28.73
N LEU B 418 -27.26 20.53 29.35
CA LEU B 418 -27.58 21.94 29.10
C LEU B 418 -26.40 22.85 29.42
N SER B 419 -25.56 22.46 30.37
CA SER B 419 -24.45 23.32 30.77
C SER B 419 -23.33 23.31 29.73
N ARG B 420 -23.05 22.15 29.14
CA ARG B 420 -21.94 21.97 28.21
C ARG B 420 -21.97 23.02 27.09
N PRO B 421 -20.80 23.39 26.57
CA PRO B 421 -20.77 24.36 25.46
C PRO B 421 -21.42 23.80 24.21
N GLU B 422 -21.90 24.73 23.37
CA GLU B 422 -22.71 24.34 22.23
C GLU B 422 -21.90 23.55 21.21
N PHE B 423 -20.74 24.08 20.79
CA PHE B 423 -19.92 23.43 19.78
C PHE B 423 -18.60 22.95 20.37
N THR B 424 -17.90 22.15 19.58
CA THR B 424 -16.56 21.69 19.90
C THR B 424 -15.53 22.70 19.37
N ASP B 425 -14.49 22.92 20.14
CA ASP B 425 -13.40 23.77 19.68
C ASP B 425 -12.75 23.15 18.45
N PRO B 426 -12.56 23.90 17.37
CA PRO B 426 -11.72 23.40 16.28
C PRO B 426 -10.30 23.19 16.78
N GLU B 427 -9.61 22.20 16.19
CA GLU B 427 -8.28 21.85 16.68
C GLU B 427 -7.34 23.04 16.63
N ILE B 428 -7.51 23.95 15.66
CA ILE B 428 -6.58 25.06 15.51
C ILE B 428 -6.56 25.95 16.74
N LEU B 429 -7.67 26.01 17.47
CA LEU B 429 -7.76 26.84 18.66
C LEU B 429 -7.36 26.12 19.94
N ARG B 430 -7.03 24.84 19.88
CA ARG B 430 -6.63 24.09 21.07
C ARG B 430 -5.33 23.33 20.88
N THR B 431 -4.48 23.79 19.95
CA THR B 431 -3.18 23.19 19.72
C THR B 431 -2.10 24.25 19.92
N ASN B 432 -1.01 23.87 20.58
CA ASN B 432 0.08 24.81 20.75
C ASN B 432 0.65 25.18 19.37
N LEU B 433 1.08 26.43 19.24
CA LEU B 433 1.48 26.91 17.93
C LEU B 433 2.74 26.25 17.43
N ALA B 434 3.54 25.66 18.31
CA ALA B 434 4.73 24.95 17.86
C ALA B 434 4.36 23.78 16.95
N SER B 435 3.38 22.97 17.37
CA SER B 435 2.92 21.88 16.52
C SER B 435 2.36 22.41 15.21
N VAL B 436 1.54 23.45 15.28
CA VAL B 436 0.93 23.99 14.06
C VAL B 436 2.00 24.46 13.09
N ILE B 437 2.94 25.27 13.57
CA ILE B 437 3.99 25.79 12.70
C ILE B 437 4.77 24.64 12.08
N LEU B 438 5.08 23.61 12.89
CA LEU B 438 5.88 22.49 12.40
C LEU B 438 5.18 21.79 11.23
N GLN B 439 3.89 21.50 11.36
CA GLN B 439 3.14 20.89 10.27
C GLN B 439 3.12 21.78 9.04
N MET B 440 2.75 23.05 9.22
CA MET B 440 2.73 23.98 8.10
C MET B 440 4.09 24.01 7.40
N THR B 441 5.15 24.17 8.19
CA THR B 441 6.50 24.16 7.62
C THR B 441 6.77 22.86 6.87
N ALA B 442 6.46 21.72 7.49
CA ALA B 442 6.66 20.44 6.83
C ALA B 442 5.89 20.35 5.53
N LEU B 443 4.71 20.95 5.46
CA LEU B 443 3.86 20.89 4.27
C LEU B 443 4.16 22.02 3.29
N GLY B 444 5.02 22.95 3.63
CA GLY B 444 5.26 24.08 2.75
C GLY B 444 4.06 24.99 2.61
N LEU B 445 3.30 25.20 3.70
CA LEU B 445 2.09 26.01 3.65
C LEU B 445 2.36 27.50 3.82
N GLY B 446 3.59 27.88 4.11
CA GLY B 446 3.92 29.28 4.20
C GLY B 446 3.80 29.84 5.61
N ASP B 447 3.87 31.16 5.69
CA ASP B 447 3.92 31.81 6.99
C ASP B 447 2.58 31.75 7.68
N ILE B 448 2.59 31.28 8.93
CA ILE B 448 1.37 31.08 9.69
C ILE B 448 0.57 32.38 9.81
N ALA B 449 1.25 33.52 9.81
CA ALA B 449 0.57 34.79 10.04
C ALA B 449 -0.20 35.28 8.82
N ALA B 450 0.13 34.80 7.62
CA ALA B 450 -0.55 35.23 6.40
C ALA B 450 -1.44 34.14 5.84
N PHE B 451 -1.65 33.05 6.57
CA PHE B 451 -2.46 31.94 6.09
C PHE B 451 -3.94 32.26 6.27
N PRO B 452 -4.78 32.08 5.24
CA PRO B 452 -6.20 32.43 5.38
C PRO B 452 -7.00 31.36 6.12
N PHE B 453 -6.68 31.19 7.40
CA PHE B 453 -7.42 30.27 8.25
C PHE B 453 -8.92 30.60 8.26
N VAL B 454 -9.74 29.56 8.40
CA VAL B 454 -11.14 29.74 8.75
C VAL B 454 -11.27 30.43 10.11
N GLU B 455 -10.53 29.93 11.10
CA GLU B 455 -10.38 30.58 12.39
C GLU B 455 -8.90 30.59 12.74
N ALA B 456 -8.34 31.78 12.98
CA ALA B 456 -6.90 31.91 13.14
C ALA B 456 -6.46 31.54 14.57
N PRO B 457 -5.30 30.92 14.72
CA PRO B 457 -4.74 30.75 16.07
C PRO B 457 -4.29 32.09 16.63
N ASP B 458 -4.02 32.10 17.94
CA ASP B 458 -3.66 33.34 18.61
C ASP B 458 -2.30 33.82 18.11
N LYS B 459 -2.28 34.99 17.48
CA LYS B 459 -1.04 35.51 16.90
C LYS B 459 0.01 35.77 17.97
N ARG B 460 -0.41 36.04 19.21
CA ARG B 460 0.56 36.35 20.26
C ARG B 460 1.41 35.16 20.66
N ASN B 461 1.05 33.94 20.25
CA ASN B 461 1.81 32.75 20.58
C ASN B 461 2.73 32.30 19.45
N ILE B 462 2.79 33.05 18.34
CA ILE B 462 3.57 32.61 17.20
C ILE B 462 5.07 32.63 17.51
N GLN B 463 5.54 33.70 18.16
CA GLN B 463 6.97 33.80 18.45
C GLN B 463 7.42 32.71 19.41
N ASP B 464 6.63 32.44 20.45
CA ASP B 464 6.98 31.36 21.36
C ASP B 464 7.08 30.02 20.63
N GLY B 465 6.13 29.74 19.73
CA GLY B 465 6.19 28.50 18.99
C GLY B 465 7.37 28.44 18.04
N VAL B 466 7.77 29.58 17.49
CA VAL B 466 8.94 29.60 16.61
C VAL B 466 10.21 29.37 17.41
N ARG B 467 10.33 30.02 18.57
CA ARG B 467 11.52 29.84 19.41
C ARG B 467 11.66 28.38 19.84
N LEU B 468 10.57 27.79 20.33
CA LEU B 468 10.61 26.40 20.75
C LEU B 468 11.12 25.50 19.62
N LEU B 469 10.57 25.67 18.42
CA LEU B 469 10.99 24.84 17.30
C LEU B 469 12.47 25.03 17.00
N GLU B 470 12.98 26.25 17.13
CA GLU B 470 14.41 26.46 17.00
C GLU B 470 15.17 25.74 18.10
N GLU B 471 14.77 25.97 19.36
CA GLU B 471 15.47 25.34 20.47
C GLU B 471 15.43 23.83 20.38
N LEU B 472 14.40 23.26 19.76
CA LEU B 472 14.33 21.82 19.57
C LEU B 472 15.15 21.34 18.38
N GLY B 473 15.74 22.24 17.60
CA GLY B 473 16.46 21.84 16.41
C GLY B 473 15.58 21.46 15.24
N ALA B 474 14.30 21.82 15.28
CA ALA B 474 13.36 21.39 14.26
C ALA B 474 13.40 22.24 13.00
N ILE B 475 13.84 23.50 13.09
CA ILE B 475 13.79 24.42 11.95
C ILE B 475 15.10 25.18 11.88
N THR B 476 15.28 25.91 10.77
CA THR B 476 16.44 26.78 10.57
C THR B 476 15.95 28.18 10.24
N THR B 477 16.02 29.07 11.22
CA THR B 477 16.03 30.51 11.04
C THR B 477 17.23 31.08 11.79
N ASP B 478 18.38 30.42 11.61
CA ASP B 478 19.53 30.51 12.50
C ASP B 478 19.31 29.56 13.67
N SER B 482 12.51 34.54 9.56
CA SER B 482 12.75 34.65 8.13
C SER B 482 13.23 33.33 7.53
N ALA B 483 12.55 32.89 6.47
CA ALA B 483 12.94 31.69 5.72
C ALA B 483 12.96 30.45 6.62
N TYR B 484 11.79 30.09 7.15
CA TYR B 484 11.64 28.89 7.96
C TYR B 484 11.80 27.65 7.09
N LYS B 485 12.75 26.79 7.47
CA LYS B 485 12.98 25.51 6.80
C LYS B 485 13.06 24.40 7.84
N LEU B 486 12.52 23.23 7.49
CA LEU B 486 12.71 22.06 8.34
C LEU B 486 14.14 21.55 8.27
N THR B 487 14.63 21.06 9.39
CA THR B 487 15.85 20.26 9.47
C THR B 487 15.47 18.79 9.43
N PRO B 488 16.41 17.91 9.04
CA PRO B 488 16.04 16.48 9.00
C PRO B 488 15.52 15.98 10.34
N LEU B 489 16.08 16.47 11.44
CA LEU B 489 15.51 16.15 12.74
C LEU B 489 14.09 16.67 12.85
N GLY B 490 13.84 17.89 12.36
CA GLY B 490 12.49 18.41 12.36
C GLY B 490 11.54 17.55 11.57
N ARG B 491 11.99 17.06 10.41
CA ARG B 491 11.13 16.17 9.64
C ARG B 491 10.73 14.95 10.43
N GLN B 492 11.64 14.45 11.29
CA GLN B 492 11.31 13.30 12.12
C GLN B 492 10.34 13.66 13.22
N LEU B 493 10.51 14.82 13.86
CA LEU B 493 9.56 15.26 14.88
C LEU B 493 8.17 15.40 14.31
N SER B 494 8.04 15.97 13.11
CA SER B 494 6.73 16.22 12.54
C SER B 494 5.94 14.93 12.32
N GLN B 495 6.62 13.78 12.29
CA GLN B 495 5.94 12.51 12.08
C GLN B 495 5.58 11.81 13.38
N LEU B 496 5.95 12.39 14.53
CA LEU B 496 5.55 11.81 15.81
C LEU B 496 4.32 12.54 16.31
N PRO B 497 3.19 11.85 16.48
CA PRO B 497 1.93 12.50 16.84
C PRO B 497 1.78 12.71 18.35
N VAL B 498 2.80 13.32 18.95
CA VAL B 498 2.74 13.78 20.33
C VAL B 498 3.37 15.17 20.39
N ASP B 499 3.34 15.77 21.56
CA ASP B 499 3.84 17.12 21.72
C ASP B 499 5.27 17.22 21.20
N PRO B 500 5.63 18.32 20.52
CA PRO B 500 6.99 18.41 19.96
C PRO B 500 8.09 18.26 21.00
N ARG B 501 7.90 18.84 22.19
CA ARG B 501 8.91 18.69 23.24
C ARG B 501 9.06 17.23 23.66
N LEU B 502 7.93 16.54 23.87
CA LEU B 502 7.98 15.13 24.22
C LEU B 502 8.56 14.31 23.07
N ALA B 503 8.22 14.64 21.83
CA ALA B 503 8.76 13.90 20.70
C ALA B 503 10.26 14.12 20.56
N ARG B 504 10.73 15.34 20.83
CA ARG B 504 12.17 15.57 20.82
C ARG B 504 12.88 14.66 21.82
N MET B 505 12.26 14.46 23.00
CA MET B 505 12.84 13.54 23.97
C MET B 505 12.89 12.12 23.42
N VAL B 506 11.81 11.68 22.75
CA VAL B 506 11.82 10.33 22.18
C VAL B 506 12.97 10.20 21.18
N LEU B 507 13.17 11.21 20.34
CA LEU B 507 14.24 11.14 19.34
C LEU B 507 15.61 11.08 20.00
N GLU B 508 15.78 11.73 21.15
CA GLU B 508 17.06 11.67 21.84
C GLU B 508 17.26 10.33 22.54
N ALA B 509 16.17 9.67 22.94
CA ALA B 509 16.30 8.39 23.62
C ALA B 509 16.85 7.31 22.69
N GLN B 510 16.58 7.41 21.38
CA GLN B 510 17.07 6.40 20.47
C GLN B 510 18.60 6.36 20.44
N LYS B 511 19.26 7.45 20.79
CA LYS B 511 20.72 7.47 20.89
C LYS B 511 21.22 6.93 22.23
N HIS B 512 20.33 6.64 23.18
CA HIS B 512 20.73 6.06 24.45
C HIS B 512 19.99 4.75 24.74
N GLY B 513 19.27 4.21 23.77
CA GLY B 513 18.68 2.88 23.93
C GLY B 513 17.61 2.81 24.98
N CYS B 514 16.81 3.87 25.13
CA CYS B 514 15.71 3.91 26.09
C CYS B 514 14.48 4.53 25.46
N VAL B 515 14.20 4.19 24.20
CA VAL B 515 13.02 4.73 23.54
C VAL B 515 11.75 4.19 24.19
N ARG B 516 11.77 2.93 24.65
CA ARG B 516 10.61 2.37 25.34
C ARG B 516 10.21 3.24 26.52
N GLU B 517 11.17 3.54 27.41
CA GLU B 517 10.87 4.40 28.55
C GLU B 517 10.44 5.79 28.09
N ALA B 518 11.11 6.33 27.07
CA ALA B 518 10.73 7.63 26.55
C ALA B 518 9.27 7.64 26.12
N MET B 519 8.79 6.53 25.54
CA MET B 519 7.40 6.44 25.11
C MET B 519 6.45 6.22 26.27
N ILE B 520 6.87 5.48 27.29
CA ILE B 520 6.05 5.35 28.50
C ILE B 520 5.85 6.72 29.14
N ILE B 521 6.95 7.45 29.33
CA ILE B 521 6.88 8.76 29.96
C ILE B 521 6.09 9.74 29.09
N THR B 522 6.36 9.74 27.79
CA THR B 522 5.61 10.60 26.88
C THR B 522 4.12 10.29 26.94
N SER B 523 3.77 9.00 26.89
CA SER B 523 2.38 8.60 27.00
C SER B 523 1.74 9.13 28.28
N ALA B 524 2.42 8.95 29.41
CA ALA B 524 1.88 9.42 30.69
C ALA B 524 1.68 10.93 30.68
N LEU B 525 2.65 11.66 30.14
CA LEU B 525 2.54 13.12 30.13
C LEU B 525 1.51 13.63 29.12
N SER B 526 1.04 12.77 28.21
CA SER B 526 0.05 13.16 27.22
C SER B 526 -1.38 12.95 27.71
N ILE B 527 -1.56 12.56 28.97
CA ILE B 527 -2.89 12.35 29.52
C ILE B 527 -2.96 13.00 30.89
N GLN B 528 -4.16 13.01 31.46
CA GLN B 528 -4.34 13.48 32.82
C GLN B 528 -3.87 12.41 33.79
N ASP B 529 -3.31 12.84 34.91
CA ASP B 529 -2.64 11.93 35.83
C ASP B 529 -3.58 10.79 36.22
N PRO B 530 -3.25 9.54 35.89
CA PRO B 530 -4.12 8.41 36.28
C PRO B 530 -4.15 8.14 37.78
N ARG B 531 -3.25 8.73 38.56
CA ARG B 531 -3.19 8.50 39.99
C ARG B 531 -4.15 9.47 40.68
N GLU B 532 -5.23 8.92 41.24
CA GLU B 532 -6.27 9.71 41.87
C GLU B 532 -5.97 9.96 43.35
N ARG B 533 -6.60 11.00 43.88
CA ARG B 533 -6.44 11.37 45.29
C ARG B 533 -7.71 12.06 45.74
N PRO B 534 -8.75 11.30 46.06
CA PRO B 534 -10.05 11.90 46.36
C PRO B 534 -10.06 12.64 47.69
N MET B 535 -11.05 13.52 47.84
CA MET B 535 -11.22 14.22 49.10
C MET B 535 -11.42 13.25 50.26
N ASP B 536 -12.17 12.18 50.03
CA ASP B 536 -12.56 11.31 51.14
C ASP B 536 -11.33 10.68 51.80
N LYS B 537 -10.56 9.89 51.05
CA LYS B 537 -9.50 9.11 51.71
C LYS B 537 -8.26 9.97 51.97
N GLN B 538 -7.61 10.41 50.90
CA GLN B 538 -6.53 11.39 50.94
C GLN B 538 -5.28 10.85 51.63
N GLN B 539 -5.33 9.63 52.14
CA GLN B 539 -4.18 8.98 52.78
C GLN B 539 -3.87 7.63 52.16
N ALA B 540 -4.89 6.79 51.99
CA ALA B 540 -4.68 5.53 51.29
C ALA B 540 -4.28 5.77 49.85
N SER B 541 -4.85 6.80 49.22
CA SER B 541 -4.45 7.16 47.87
C SER B 541 -2.98 7.56 47.82
N ASP B 542 -2.52 8.35 48.79
CA ASP B 542 -1.12 8.74 48.82
C ASP B 542 -0.21 7.55 49.09
N GLU B 543 -0.58 6.70 50.06
CA GLU B 543 0.24 5.53 50.37
C GLU B 543 0.23 4.52 49.22
N LYS B 544 -0.86 4.46 48.45
CA LYS B 544 -0.91 3.55 47.31
C LYS B 544 0.06 4.01 46.21
N HIS B 545 0.08 5.31 45.92
CA HIS B 545 0.92 5.82 44.84
C HIS B 545 2.38 5.97 45.24
N ARG B 546 2.69 5.96 46.54
CA ARG B 546 4.08 6.03 46.97
C ARG B 546 4.85 4.75 46.65
N ARG B 547 4.14 3.67 46.32
CA ARG B 547 4.79 2.43 45.91
C ARG B 547 5.58 2.59 44.62
N PHE B 548 5.46 3.73 43.93
CA PHE B 548 6.11 3.92 42.65
C PHE B 548 7.03 5.14 42.61
N HIS B 549 7.23 5.82 43.73
CA HIS B 549 8.15 6.96 43.75
C HIS B 549 9.54 6.52 43.34
N ASP B 550 10.23 7.37 42.59
CA ASP B 550 11.63 7.15 42.24
C ASP B 550 12.47 8.28 42.79
N LYS B 551 13.61 7.92 43.39
CA LYS B 551 14.42 8.92 44.08
C LYS B 551 14.98 9.96 43.13
N GLU B 552 15.15 9.63 41.85
CA GLU B 552 15.87 10.52 40.95
C GLU B 552 14.95 11.48 40.19
N SER B 553 13.80 11.02 39.72
CA SER B 553 12.93 11.88 38.92
C SER B 553 11.47 11.49 39.08
N ASP B 554 10.60 12.49 39.07
CA ASP B 554 9.17 12.23 39.06
C ASP B 554 8.75 11.42 37.83
N PHE B 555 9.44 11.61 36.70
CA PHE B 555 9.08 10.88 35.49
C PHE B 555 9.26 9.37 35.67
N LEU B 556 10.31 8.97 36.39
CA LEU B 556 10.58 7.55 36.56
C LEU B 556 9.49 6.83 37.34
N ALA B 557 8.71 7.56 38.15
CA ALA B 557 7.57 6.95 38.82
C ALA B 557 6.58 6.37 37.81
N PHE B 558 6.43 7.03 36.65
CA PHE B 558 5.54 6.51 35.62
C PHE B 558 6.04 5.19 35.07
N VAL B 559 7.35 5.04 34.90
CA VAL B 559 7.90 3.77 34.45
C VAL B 559 7.65 2.68 35.49
N ASN B 560 7.88 2.99 36.76
CA ASN B 560 7.60 2.01 37.82
C ASN B 560 6.13 1.66 37.88
N LEU B 561 5.25 2.67 37.80
CA LEU B 561 3.81 2.40 37.76
C LEU B 561 3.44 1.62 36.51
N TRP B 562 4.10 1.90 35.40
CA TRP B 562 3.82 1.18 34.16
C TRP B 562 4.17 -0.30 34.29
N ASN B 563 5.37 -0.60 34.80
CA ASN B 563 5.75 -2.00 34.99
C ASN B 563 4.88 -2.70 36.00
N TYR B 564 4.41 -1.98 37.02
CA TYR B 564 3.47 -2.56 37.97
C TYR B 564 2.15 -2.89 37.30
N LEU B 565 1.66 -2.01 36.44
CA LEU B 565 0.38 -2.27 35.77
C LEU B 565 0.48 -3.42 34.79
N GLY B 566 1.60 -3.52 34.08
CA GLY B 566 1.74 -4.57 33.09
C GLY B 566 1.73 -5.96 33.70
N GLU B 567 2.47 -6.15 34.79
CA GLU B 567 2.55 -7.46 35.41
C GLU B 567 1.20 -7.91 35.93
N GLN B 568 0.37 -6.98 36.42
CA GLN B 568 -0.84 -7.35 37.13
C GLN B 568 -2.06 -7.45 36.23
N GLN B 569 -2.03 -6.87 35.04
CA GLN B 569 -3.04 -7.24 34.06
C GLN B 569 -2.78 -8.64 33.51
N LYS B 570 -1.60 -9.20 33.75
CA LYS B 570 -1.29 -10.59 33.44
C LYS B 570 -1.74 -11.54 34.55
N ALA B 571 -1.53 -11.14 35.81
CA ALA B 571 -1.95 -11.99 36.92
C ALA B 571 -3.46 -11.97 37.15
N LEU B 572 -4.15 -10.93 36.70
CA LEU B 572 -5.58 -10.79 36.91
C LEU B 572 -6.34 -10.90 35.60
N SER B 573 -7.64 -11.13 35.71
CA SER B 573 -8.53 -11.16 34.57
C SER B 573 -8.83 -9.72 34.13
N SER B 574 -9.72 -9.57 33.16
CA SER B 574 -10.14 -8.22 32.76
C SER B 574 -11.03 -7.57 33.81
N ASN B 575 -11.84 -8.37 34.49
CA ASN B 575 -12.70 -7.81 35.53
C ASN B 575 -11.95 -7.59 36.84
N ALA B 576 -11.05 -8.52 37.19
CA ALA B 576 -10.22 -8.34 38.38
C ALA B 576 -9.26 -7.16 38.23
N PHE B 577 -8.93 -6.79 36.99
CA PHE B 577 -8.07 -5.63 36.78
C PHE B 577 -8.79 -4.35 37.13
N ARG B 578 -10.04 -4.20 36.68
CA ARG B 578 -10.79 -2.98 36.94
C ARG B 578 -10.98 -2.75 38.43
N ARG B 579 -11.25 -3.82 39.19
CA ARG B 579 -11.26 -3.70 40.64
C ARG B 579 -9.91 -3.24 41.16
N LEU B 580 -8.82 -3.73 40.55
CA LEU B 580 -7.49 -3.31 40.97
C LEU B 580 -7.30 -1.81 40.79
N CYS B 581 -7.90 -1.23 39.74
CA CYS B 581 -7.76 0.20 39.51
C CYS B 581 -8.39 1.00 40.64
N ARG B 582 -9.66 0.71 40.96
CA ARG B 582 -10.27 1.41 42.08
C ARG B 582 -9.68 0.95 43.42
N THR B 583 -9.12 -0.26 43.47
CA THR B 583 -8.42 -0.70 44.67
C THR B 583 -7.18 0.15 44.92
N ASP B 584 -6.43 0.46 43.87
CA ASP B 584 -5.20 1.23 43.97
C ASP B 584 -5.38 2.69 43.63
N TYR B 585 -6.62 3.19 43.73
CA TYR B 585 -6.91 4.60 43.49
C TYR B 585 -6.32 5.07 42.16
N LEU B 586 -6.47 4.23 41.14
CA LEU B 586 -6.01 4.51 39.79
C LEU B 586 -7.22 4.67 38.88
N ASN B 587 -7.14 5.63 37.96
CA ASN B 587 -8.24 5.87 37.04
C ASN B 587 -8.22 4.81 35.95
N TYR B 588 -9.27 3.99 35.90
CA TYR B 588 -9.33 2.91 34.92
C TYR B 588 -9.31 3.46 33.50
N LEU B 589 -10.14 4.46 33.20
CA LEU B 589 -10.18 5.01 31.86
C LEU B 589 -8.83 5.59 31.46
N ARG B 590 -8.20 6.35 32.35
CA ARG B 590 -6.92 6.96 32.01
C ARG B 590 -5.83 5.90 31.82
N VAL B 591 -5.83 4.85 32.66
CA VAL B 591 -4.87 3.77 32.47
C VAL B 591 -5.04 3.16 31.09
N ARG B 592 -6.28 2.80 30.72
CA ARG B 592 -6.52 2.27 29.40
C ARG B 592 -6.08 3.25 28.31
N GLU B 593 -6.37 4.54 28.50
CA GLU B 593 -5.89 5.53 27.54
C GLU B 593 -4.36 5.58 27.52
N TRP B 594 -3.74 5.52 28.71
CA TRP B 594 -2.28 5.44 28.76
C TRP B 594 -1.78 4.27 27.90
N GLN B 595 -2.44 3.12 28.01
CA GLN B 595 -2.03 1.96 27.24
C GLN B 595 -2.31 2.14 25.74
N ASP B 596 -3.46 2.71 25.39
CA ASP B 596 -3.74 2.96 23.97
C ASP B 596 -2.69 3.88 23.36
N ILE B 597 -2.39 5.00 24.03
CA ILE B 597 -1.46 5.97 23.46
C ILE B 597 -0.07 5.36 23.31
N TYR B 598 0.39 4.62 24.33
CA TYR B 598 1.71 4.00 24.21
C TYR B 598 1.76 3.03 23.04
N THR B 599 0.71 2.22 22.87
CA THR B 599 0.66 1.29 21.75
C THR B 599 0.68 2.02 20.41
N GLN B 600 -0.20 3.01 20.24
CA GLN B 600 -0.19 3.79 19.01
C GLN B 600 1.18 4.42 18.77
N LEU B 601 1.78 4.97 19.83
CA LEU B 601 3.09 5.59 19.70
C LEU B 601 4.16 4.55 19.33
N ARG B 602 4.14 3.39 19.99
CA ARG B 602 5.16 2.39 19.71
C ARG B 602 5.08 1.94 18.26
N GLN B 603 3.87 1.79 17.72
CA GLN B 603 3.74 1.36 16.33
C GLN B 603 4.29 2.41 15.37
N VAL B 604 3.99 3.69 15.61
CA VAL B 604 4.54 4.74 14.77
C VAL B 604 6.07 4.74 14.85
N VAL B 605 6.60 4.75 16.08
CA VAL B 605 8.05 4.79 16.26
C VAL B 605 8.72 3.64 15.51
N LYS B 606 8.17 2.42 15.63
CA LYS B 606 8.79 1.28 14.97
C LYS B 606 8.64 1.35 13.46
N GLU B 607 7.51 1.87 12.95
CA GLU B 607 7.36 2.03 11.51
C GLU B 607 8.39 3.01 10.96
N LEU B 608 8.87 3.93 11.78
CA LEU B 608 9.83 4.94 11.38
C LEU B 608 11.26 4.44 11.48
N GLY B 609 11.48 3.20 11.90
CA GLY B 609 12.80 2.66 12.06
C GLY B 609 13.54 3.15 13.30
N ILE B 610 12.85 3.80 14.22
CA ILE B 610 13.47 4.20 15.47
C ILE B 610 13.61 2.96 16.37
N PRO B 611 14.81 2.67 16.87
CA PRO B 611 14.99 1.43 17.66
C PRO B 611 14.35 1.55 19.03
N VAL B 612 13.62 0.51 19.42
CA VAL B 612 12.95 0.43 20.72
C VAL B 612 13.61 -0.68 21.51
N ASN B 613 14.06 -0.36 22.72
CA ASN B 613 14.75 -1.35 23.54
C ASN B 613 13.77 -2.44 23.98
N SER B 614 14.18 -3.71 23.76
CA SER B 614 13.35 -4.84 24.15
C SER B 614 13.31 -4.99 25.66
N GLU B 615 14.47 -5.18 26.27
CA GLU B 615 14.59 -5.26 27.73
C GLU B 615 14.77 -3.87 28.33
N PRO B 616 14.05 -3.59 29.41
CA PRO B 616 14.07 -2.24 29.98
C PRO B 616 15.48 -1.74 30.22
N ALA B 617 15.78 -0.56 29.70
CA ALA B 617 17.06 0.09 29.95
C ALA B 617 17.06 0.71 31.33
N GLU B 618 18.17 0.50 32.06
CA GLU B 618 18.25 0.96 33.43
C GLU B 618 18.07 2.47 33.51
N TYR B 619 17.88 2.95 34.73
CA TYR B 619 17.63 4.36 35.03
C TYR B 619 18.88 5.24 34.90
N ARG B 620 20.00 4.70 34.41
CA ARG B 620 21.20 5.51 34.23
C ARG B 620 21.13 6.31 32.92
N GLU B 621 21.02 5.61 31.79
CA GLU B 621 20.98 6.27 30.50
C GLU B 621 19.69 7.05 30.28
N ILE B 622 18.66 6.81 31.10
CA ILE B 622 17.43 7.56 30.98
C ILE B 622 17.63 9.01 31.42
N HIS B 623 18.60 9.25 32.31
CA HIS B 623 18.87 10.62 32.76
C HIS B 623 19.38 11.48 31.61
N ILE B 624 20.41 10.99 30.89
CA ILE B 624 21.03 11.81 29.85
C ILE B 624 20.04 12.13 28.76
N ALA B 625 19.18 11.17 28.41
CA ALA B 625 18.21 11.41 27.34
C ALA B 625 17.10 12.35 27.77
N LEU B 626 16.69 12.28 29.05
CA LEU B 626 15.64 13.16 29.53
C LEU B 626 16.06 14.63 29.43
N LEU B 627 17.31 14.93 29.79
CA LEU B 627 17.77 16.32 29.81
C LEU B 627 18.10 16.80 28.39
N THR B 628 17.10 16.73 27.53
CA THR B 628 17.10 17.36 26.22
C THR B 628 15.88 18.24 25.97
N GLY B 629 14.71 17.86 26.49
CA GLY B 629 13.49 18.60 26.24
C GLY B 629 13.52 20.02 26.76
N LEU B 630 13.67 20.19 28.06
CA LEU B 630 13.74 21.51 28.67
C LEU B 630 14.22 21.41 30.12
#